data_8KDT
#
_entry.id   8KDT
#
_cell.length_a   1.00
_cell.length_b   1.00
_cell.length_c   1.00
_cell.angle_alpha   90.00
_cell.angle_beta   90.00
_cell.angle_gamma   90.00
#
_symmetry.space_group_name_H-M   'P 1'
#
loop_
_entity.id
_entity.type
_entity.pdbx_description
1 polymer 'Spike glycoprotein'
2 polymer 'PW5-5 heavy chain'
3 polymer 'PW5-5 light chain'
#
loop_
_entity_poly.entity_id
_entity_poly.type
_entity_poly.pdbx_seq_one_letter_code
_entity_poly.pdbx_strand_id
1 'polypeptide(L)'
;MFIFLLFLTLTSGSDLDRCTTFDDVQAPNYTQHTSSMRGVYYPDEIFRSDTLYLTQDLFLPFYSNVTGFHTINHTFGNPV
IPFKDGIYFAATEKSNVVRGWVFGSTMNNKSQSVIIINNSTNVVIRACNFELCDNPFFAVSKPMGTQTHTMIFDNAFNCT
FEYISDAFSLDVSEKSGNFKHLREFVFKNKDGFLYVYKGYQPIDVVRDLPSGFNTLKPIFKLPLGINITNFRAILTAFSP
AQDIWGTSAAAYFVGYLKPTTFMLKYDENGTITDAVDCSQNPLAELKCSVKSFEIDKGIYQTSNFRVVPSGDVVRFPNIT
NLCPFGEVFNATKFPSVYAWERKKISNCVADYSVLYNSTFFSTFKCYGVSATKLNDLCFSNVYADSFVVKGDDVRQIAPG
QTGVIADYNYKLPDDFMGCVLAWNTRNIDATSTGNYNYKYRYLRHGKLRPFERDISNVPFSPDGKPCTPPALNCYWPLND
YGFYTTTGIGYQPYRVVVLSFELLNAPATVCGPKLSTDLIKNQCVNFNFNGLTGTGVLTPSSKRFQPFQQFGRDVSDFTD
SVRDPKTSEILDISPCAFGGVSVITPGTNASSEVAVLYQDVNCTDVSTAIHADQLTPAWRIYSTGNNVFQTQAGCLIGAE
HVDTSYECDIPIGAGICASYHTVSLLRSTSQKSIVAYTMSLGADSSIAYSNNTIAIPTNFSISITTEVMPVSMAKTSVDC
NMYICGDSTECANLLLQYGSFCTQLNRALSGIAAEQDRNTREVFAQVKQMYKTPTLKYFGGFNFSQILPDPLKPTKRSFI
EDLLFNKVTLADAGFMKQYGECLGDINARDLICAQKFNGLTVLPPLLTDDMIAAYTAALVSGTATAGWTFGAGAALQIPF
AMQMAYRFNGIGVTQNVLYENQKQIANQFNKAISQIQESLTTTSTALGKLQDVVNQNAQALNTLVKQLSSNFGAISSVLN
DILSRLDPPEAEVQIDRLITGRLQSLQTYVTQQLIRAAEIRASANLAATKMSECVLGQSKRVDFCGKGYHLMSFPQAAPH
GVVFLHVTYVPSQERNFTTAPAICHEGKAYFPREGVFVFNGTSWFITQRNFFSPQIITTDNTFVSGNCDVVIGIINNTVY
DPLQPELDSFKEELDKYFKNHTSPDVDLGDISGINASVVNIQKEIDRLNEVAKNLNESLIDLQELGKYEQ
;
A
2 'polypeptide(L)'
;QVQLVQSGAEVKKPGASVKVSCKTSGYTFTDHYMYWVRQAPGQGLEWMGVINPDAGSVTYAQKFQGRVTMTSDTSTSTVY
MELSSLRSEDTAVYYCARDLFFIPAANSFDYWGQGTLVTVSSTKGPSVFPLAPSSKSTSGGTAALGCLVKDYFPEPVTVS
WNSGALTSGVHTFPAVLQSSGLYSLSSVVTVPSSSLGTQTYICNVNHKPSNTKVDKKVEPKSCDKTHTCPPCPAPELLGG
PSVFLFPPKPKDTLMISRTPEVTCVVVDVSHEDPEVKFNWYVDGVEVHNAKTKPREEQYNSTYRVVSVLTVLHQDWLNGK
EYKCKVSNKALPAPIEKTISKAKGQPREPQVYTLPPSRDELTKNQVSLTCLVKGFYPSDIAVEWESNGQPENNYKTTPPV
LDSDGSFFLYSKLTVDKSRWQQGNVFSCSVLHEALHSHYTQKSLSLSPGK
;
H
3 'polypeptide(L)'
;EIVLTQSPATLSLSPGERATLSCRASQSVSSYLAWYQQKPGQAPRLLIYDATNRATGIPARFSGSGSGTDFTLTISSLEP
EDFAVYYCQHRSNWPRMFTFGQGTKLEIKRTVAAPSVFIFPPSDEQLKSGTASVVCLLNNFYPREAKVQWKVDNALQSGN
SQESVTEQDSKDSTYSLSSTLTLSKADYEKHKVYACEVTHQGLSSPVTKSFNRGEC
;
L
#
# COMPACT_ATOMS: atom_id res chain seq x y z
N ASN A 321 -8.33 38.29 -10.18
CA ASN A 321 -7.80 39.58 -9.78
C ASN A 321 -6.30 39.50 -9.49
N LEU A 322 -5.75 40.58 -8.97
CA LEU A 322 -4.33 40.60 -8.63
C LEU A 322 -4.03 39.63 -7.49
N CYS A 323 -2.90 38.95 -7.59
CA CYS A 323 -2.55 37.96 -6.58
C CYS A 323 -2.11 38.65 -5.29
N PRO A 324 -2.62 38.22 -4.14
CA PRO A 324 -2.30 38.85 -2.85
C PRO A 324 -0.90 38.52 -2.34
N PHE A 325 0.12 38.83 -3.15
CA PHE A 325 1.50 38.63 -2.73
C PHE A 325 2.07 39.84 -1.99
N GLY A 326 1.38 40.98 -2.02
CA GLY A 326 1.89 42.15 -1.32
C GLY A 326 1.77 42.03 0.18
N GLU A 327 0.67 41.45 0.66
CA GLU A 327 0.48 41.28 2.09
C GLU A 327 1.42 40.24 2.68
N VAL A 328 2.00 39.37 1.85
CA VAL A 328 2.92 38.36 2.35
C VAL A 328 4.22 39.00 2.79
N PHE A 329 4.76 39.91 1.98
CA PHE A 329 6.01 40.59 2.30
C PHE A 329 5.77 41.82 3.18
N ASN A 330 4.87 42.69 2.78
CA ASN A 330 4.55 43.90 3.54
C ASN A 330 3.59 43.53 4.67
N ALA A 331 4.16 43.19 5.82
CA ALA A 331 3.38 42.83 7.00
C ALA A 331 3.94 43.55 8.22
N THR A 332 3.09 43.69 9.24
CA THR A 332 3.50 44.40 10.44
C THR A 332 4.45 43.57 11.30
N LYS A 333 4.32 42.24 11.26
CA LYS A 333 5.17 41.39 12.08
C LYS A 333 5.17 39.99 11.49
N PHE A 334 6.28 39.27 11.70
CA PHE A 334 6.43 37.90 11.25
C PHE A 334 6.63 36.97 12.44
N PRO A 335 6.02 35.79 12.42
CA PRO A 335 6.25 34.84 13.52
C PRO A 335 7.66 34.28 13.48
N SER A 336 8.04 33.65 14.59
CA SER A 336 9.36 33.05 14.69
C SER A 336 9.41 31.76 13.86
N VAL A 337 10.56 31.08 13.91
CA VAL A 337 10.74 29.87 13.12
C VAL A 337 10.02 28.70 13.76
N TYR A 338 10.02 28.61 15.09
CA TYR A 338 9.37 27.50 15.76
C TYR A 338 7.85 27.55 15.62
N ALA A 339 7.29 28.70 15.26
CA ALA A 339 5.86 28.88 15.06
C ALA A 339 5.59 29.60 13.75
N TRP A 340 6.26 29.15 12.68
CA TRP A 340 6.13 29.79 11.37
C TRP A 340 4.70 29.70 10.84
N GLU A 341 4.28 30.71 10.09
CA GLU A 341 2.93 30.79 9.56
C GLU A 341 2.98 30.53 8.06
N ARG A 342 1.83 30.16 7.50
CA ARG A 342 1.74 29.87 6.07
C ARG A 342 0.52 30.58 5.51
N LYS A 343 0.32 30.46 4.20
CA LYS A 343 -0.80 31.08 3.52
C LYS A 343 -1.45 30.04 2.61
N LYS A 344 -2.58 30.41 2.01
CA LYS A 344 -3.30 29.52 1.12
C LYS A 344 -3.68 30.25 -0.17
N ILE A 345 -2.69 30.94 -0.76
CA ILE A 345 -2.93 31.75 -1.94
C ILE A 345 -3.33 30.86 -3.11
N SER A 346 -4.56 31.02 -3.59
CA SER A 346 -5.07 30.23 -4.70
C SER A 346 -6.10 31.06 -5.45
N ASN A 347 -6.36 30.64 -6.69
CA ASN A 347 -7.30 31.32 -7.58
C ASN A 347 -6.95 32.80 -7.73
N CYS A 348 -5.78 33.08 -8.29
CA CYS A 348 -5.31 34.44 -8.47
C CYS A 348 -4.66 34.55 -9.83
N VAL A 349 -4.23 35.77 -10.15
CA VAL A 349 -3.47 36.05 -11.37
C VAL A 349 -2.15 36.65 -10.92
N ALA A 350 -1.14 35.80 -10.75
CA ALA A 350 0.16 36.24 -10.25
C ALA A 350 0.95 36.92 -11.37
N ASP A 351 2.00 37.63 -10.96
CA ASP A 351 2.84 38.38 -11.89
C ASP A 351 4.30 37.92 -11.87
N TYR A 352 4.83 37.60 -10.69
CA TYR A 352 6.23 37.21 -10.52
C TYR A 352 7.19 38.27 -11.06
N SER A 353 6.77 39.53 -11.02
CA SER A 353 7.60 40.64 -11.48
C SER A 353 8.07 41.56 -10.37
N VAL A 354 7.45 41.51 -9.18
CA VAL A 354 7.89 42.32 -8.06
C VAL A 354 9.05 41.67 -7.31
N LEU A 355 9.54 40.52 -7.78
CA LEU A 355 10.65 39.83 -7.15
C LEU A 355 11.95 39.93 -7.94
N TYR A 356 11.88 40.08 -9.26
CA TYR A 356 13.07 40.17 -10.09
C TYR A 356 13.56 41.60 -10.26
N ASN A 357 12.63 42.56 -10.35
CA ASN A 357 13.01 43.95 -10.58
C ASN A 357 13.78 44.52 -9.40
N SER A 358 13.23 44.38 -8.19
CA SER A 358 13.90 44.89 -7.01
C SER A 358 15.13 44.05 -6.69
N THR A 359 16.05 44.63 -5.91
CA THR A 359 17.31 43.99 -5.58
C THR A 359 17.57 43.97 -4.08
N PHE A 360 16.55 44.20 -3.25
CA PHE A 360 16.73 44.14 -1.81
C PHE A 360 16.65 42.73 -1.26
N PHE A 361 16.48 41.72 -2.11
CA PHE A 361 16.51 40.33 -1.68
C PHE A 361 17.95 39.87 -1.54
N SER A 362 18.31 39.42 -0.34
CA SER A 362 19.68 38.99 -0.09
C SER A 362 19.99 37.67 -0.80
N THR A 363 19.14 36.66 -0.61
CA THR A 363 19.35 35.34 -1.18
C THR A 363 18.10 34.93 -1.96
N PHE A 364 18.13 35.14 -3.28
CA PHE A 364 17.05 34.72 -4.16
C PHE A 364 17.50 33.42 -4.84
N LYS A 365 17.31 32.32 -4.13
CA LYS A 365 17.75 31.00 -4.58
C LYS A 365 16.52 30.12 -4.80
N CYS A 366 16.09 30.03 -6.05
CA CYS A 366 14.99 29.14 -6.40
C CYS A 366 15.49 27.70 -6.55
N TYR A 367 14.60 26.75 -6.30
CA TYR A 367 14.90 25.34 -6.43
C TYR A 367 13.80 24.66 -7.24
N GLY A 368 14.15 23.51 -7.82
CA GLY A 368 13.20 22.77 -8.63
C GLY A 368 13.04 23.34 -10.03
N VAL A 369 12.44 24.52 -10.12
CA VAL A 369 12.25 25.20 -11.40
C VAL A 369 13.09 26.47 -11.41
N SER A 370 13.16 27.10 -12.58
CA SER A 370 13.93 28.32 -12.77
C SER A 370 13.03 29.54 -12.60
N ALA A 371 13.68 30.71 -12.49
CA ALA A 371 12.94 31.95 -12.32
C ALA A 371 12.21 32.38 -13.59
N THR A 372 12.60 31.84 -14.75
CA THR A 372 11.96 32.22 -16.00
C THR A 372 10.66 31.47 -16.22
N LYS A 373 10.60 30.22 -15.79
CA LYS A 373 9.41 29.39 -16.00
C LYS A 373 8.29 29.68 -15.01
N LEU A 374 8.52 30.56 -14.02
CA LEU A 374 7.48 30.87 -13.05
C LEU A 374 6.36 31.71 -13.66
N ASN A 375 6.61 32.37 -14.79
CA ASN A 375 5.62 33.23 -15.42
C ASN A 375 4.79 32.51 -16.47
N ASP A 376 5.09 31.24 -16.74
CA ASP A 376 4.40 30.49 -17.78
C ASP A 376 3.60 29.31 -17.25
N LEU A 377 4.14 28.56 -16.30
CA LEU A 377 3.45 27.38 -15.78
C LEU A 377 2.28 27.78 -14.91
N CYS A 378 1.13 27.15 -15.15
CA CYS A 378 -0.07 27.37 -14.36
C CYS A 378 -0.02 26.44 -13.15
N PHE A 379 0.26 27.01 -11.98
CA PHE A 379 0.28 26.23 -10.76
C PHE A 379 -1.12 26.00 -10.24
N SER A 380 -1.25 25.03 -9.33
CA SER A 380 -2.57 24.69 -8.77
C SER A 380 -2.85 25.50 -7.51
N ASN A 381 -1.91 25.50 -6.56
CA ASN A 381 -2.11 26.20 -5.29
C ASN A 381 -0.74 26.45 -4.68
N VAL A 382 -0.36 27.73 -4.55
CA VAL A 382 0.94 28.11 -4.01
C VAL A 382 0.81 28.33 -2.51
N TYR A 383 1.91 28.10 -1.79
CA TYR A 383 1.95 28.22 -0.35
C TYR A 383 3.12 29.11 0.04
N ALA A 384 2.86 30.13 0.85
CA ALA A 384 3.88 31.04 1.31
C ALA A 384 4.28 30.71 2.75
N ASP A 385 5.44 31.25 3.16
CA ASP A 385 5.95 31.06 4.50
C ASP A 385 6.52 32.37 5.02
N SER A 386 6.72 32.44 6.33
CA SER A 386 7.26 33.65 6.95
C SER A 386 7.89 33.30 8.28
N PHE A 387 9.18 33.61 8.43
CA PHE A 387 9.89 33.40 9.68
C PHE A 387 11.15 34.24 9.67
N VAL A 388 11.77 34.38 10.83
CA VAL A 388 12.95 35.22 11.03
C VAL A 388 14.08 34.35 11.56
N VAL A 389 15.13 34.21 10.78
CA VAL A 389 16.28 33.42 11.16
C VAL A 389 17.39 34.34 11.64
N LYS A 390 18.43 33.77 12.25
CA LYS A 390 19.52 34.54 12.84
C LYS A 390 20.59 34.88 11.81
N GLY A 391 20.16 35.38 10.65
CA GLY A 391 21.09 35.89 9.66
C GLY A 391 21.85 34.81 8.90
N ASP A 392 22.72 34.11 9.61
CA ASP A 392 23.55 33.06 9.01
C ASP A 392 22.82 31.72 8.93
N ASP A 393 21.52 31.69 9.23
CA ASP A 393 20.73 30.48 9.13
C ASP A 393 19.95 30.37 7.83
N VAL A 394 20.10 31.34 6.92
CA VAL A 394 19.44 31.24 5.63
C VAL A 394 20.04 30.11 4.80
N ARG A 395 21.33 29.82 4.99
CA ARG A 395 21.94 28.71 4.28
C ARG A 395 21.35 27.37 4.72
N GLN A 396 20.92 27.26 5.98
CA GLN A 396 20.31 26.03 6.45
C GLN A 396 18.90 25.83 5.90
N ILE A 397 18.26 26.89 5.43
CA ILE A 397 16.94 26.78 4.79
C ILE A 397 17.21 26.49 3.32
N ALA A 398 17.42 25.20 3.02
CA ALA A 398 17.75 24.77 1.67
C ALA A 398 17.42 23.29 1.55
N PRO A 399 17.06 22.81 0.35
CA PRO A 399 16.70 21.40 0.21
C PRO A 399 17.90 20.46 0.35
N GLY A 400 18.33 20.23 1.57
CA GLY A 400 19.41 19.28 1.81
C GLY A 400 20.37 19.68 2.91
N GLN A 401 20.25 20.91 3.40
CA GLN A 401 21.14 21.41 4.44
C GLN A 401 20.61 21.04 5.82
N THR A 402 21.53 20.86 6.76
CA THR A 402 21.22 20.51 8.14
C THR A 402 21.81 21.55 9.08
N GLY A 403 21.55 21.37 10.37
CA GLY A 403 22.03 22.29 11.37
C GLY A 403 21.17 22.31 12.63
N VAL A 404 20.77 23.49 13.07
CA VAL A 404 19.90 23.64 14.23
C VAL A 404 18.58 24.32 13.90
N ILE A 405 18.44 24.86 12.70
CA ILE A 405 17.19 25.49 12.26
C ILE A 405 16.55 24.73 11.11
N ALA A 406 17.06 23.54 10.80
CA ALA A 406 16.54 22.76 9.68
C ALA A 406 16.25 21.30 10.06
N ASP A 407 16.30 20.96 11.34
CA ASP A 407 16.00 19.60 11.76
C ASP A 407 14.85 19.56 12.76
N TYR A 408 14.79 20.55 13.67
CA TYR A 408 13.68 20.66 14.60
C TYR A 408 13.02 22.04 14.57
N ASN A 409 13.32 22.86 13.57
CA ASN A 409 12.68 24.17 13.42
C ASN A 409 11.90 24.27 12.11
N TYR A 410 12.52 23.96 10.98
CA TYR A 410 11.83 24.03 9.69
C TYR A 410 12.55 23.10 8.73
N LYS A 411 11.93 21.96 8.43
CA LYS A 411 12.50 20.98 7.51
C LYS A 411 12.03 21.26 6.09
N LEU A 412 12.95 21.25 5.14
CA LEU A 412 12.64 21.47 3.74
C LEU A 412 12.90 20.18 2.97
N PRO A 413 11.98 19.74 2.12
CA PRO A 413 12.19 18.47 1.41
C PRO A 413 13.26 18.60 0.34
N ASP A 414 13.79 17.44 -0.07
CA ASP A 414 14.81 17.43 -1.11
C ASP A 414 14.23 17.85 -2.46
N ASP A 415 13.06 17.32 -2.81
CA ASP A 415 12.39 17.69 -4.05
C ASP A 415 11.48 18.89 -3.77
N PHE A 416 12.12 20.04 -3.56
CA PHE A 416 11.43 21.28 -3.22
C PHE A 416 11.36 22.16 -4.46
N MET A 417 10.16 22.32 -5.01
CA MET A 417 9.93 23.16 -6.17
C MET A 417 9.36 24.51 -5.71
N GLY A 418 10.26 25.38 -5.32
CA GLY A 418 9.88 26.71 -4.84
C GLY A 418 11.02 27.69 -4.95
N CYS A 419 10.90 28.79 -4.20
CA CYS A 419 11.91 29.83 -4.20
C CYS A 419 12.04 30.39 -2.78
N VAL A 420 13.28 30.53 -2.33
CA VAL A 420 13.57 31.11 -1.01
C VAL A 420 13.86 32.60 -1.20
N LEU A 421 13.19 33.43 -0.42
CA LEU A 421 13.33 34.88 -0.50
C LEU A 421 13.67 35.42 0.88
N ALA A 422 14.88 35.92 1.05
CA ALA A 422 15.34 36.47 2.32
C ALA A 422 15.85 37.89 2.10
N TRP A 423 15.52 38.78 3.04
CA TRP A 423 15.94 40.17 2.98
C TRP A 423 16.20 40.67 4.40
N ASN A 424 17.12 41.62 4.50
CA ASN A 424 17.59 42.12 5.79
C ASN A 424 16.61 43.11 6.38
N THR A 425 16.46 43.06 7.71
CA THR A 425 15.57 43.95 8.44
C THR A 425 16.27 44.44 9.71
N ARG A 426 17.54 44.85 9.58
CA ARG A 426 18.30 45.32 10.74
C ARG A 426 17.80 46.65 11.28
N ASN A 427 16.83 47.29 10.62
CA ASN A 427 16.29 48.56 11.08
C ASN A 427 14.78 48.53 11.29
N ILE A 428 14.06 47.57 10.71
CA ILE A 428 12.62 47.49 10.89
C ILE A 428 12.24 46.61 12.07
N ASP A 429 12.99 45.53 12.32
CA ASP A 429 12.70 44.57 13.38
C ASP A 429 13.90 44.40 14.28
N ALA A 430 14.50 45.51 14.70
CA ALA A 430 15.65 45.48 15.59
C ALA A 430 15.59 46.68 16.52
N THR A 431 16.20 46.53 17.69
CA THR A 431 16.22 47.58 18.71
C THR A 431 17.62 47.67 19.30
N SER A 432 18.08 48.91 19.51
CA SER A 432 19.42 49.11 20.07
C SER A 432 19.50 48.63 21.52
N THR A 433 18.38 48.65 22.24
CA THR A 433 18.38 48.22 23.64
C THR A 433 18.15 46.72 23.76
N GLY A 434 17.48 46.10 22.79
CA GLY A 434 17.23 44.67 22.84
C GLY A 434 15.99 44.25 22.07
N ASN A 435 16.10 43.15 21.33
CA ASN A 435 14.98 42.65 20.54
C ASN A 435 14.66 41.21 20.93
N TYR A 436 14.60 40.94 22.24
CA TYR A 436 14.33 39.60 22.73
C TYR A 436 12.86 39.24 22.56
N ASN A 437 12.42 39.10 21.31
CA ASN A 437 11.03 38.75 21.01
C ASN A 437 10.94 37.63 19.97
N TYR A 438 12.05 37.00 19.62
CA TYR A 438 12.06 35.90 18.67
C TYR A 438 12.84 34.74 19.26
N LYS A 439 12.25 33.54 19.22
CA LYS A 439 12.87 32.35 19.79
C LYS A 439 12.93 31.26 18.73
N TYR A 440 13.68 30.21 19.06
CA TYR A 440 13.80 29.06 18.17
C TYR A 440 14.02 27.82 19.03
N ARG A 441 13.57 26.67 18.51
CA ARG A 441 13.65 25.40 19.21
C ARG A 441 14.97 24.72 18.87
N TYR A 442 15.65 24.20 19.89
CA TYR A 442 16.93 23.53 19.71
C TYR A 442 17.04 22.19 20.45
N LEU A 443 15.96 21.73 21.08
CA LEU A 443 15.95 20.45 21.78
C LEU A 443 14.63 19.75 21.50
N ARG A 444 14.67 18.70 20.68
CA ARG A 444 13.48 17.93 20.35
C ARG A 444 13.88 16.51 20.03
N HIS A 445 13.02 15.56 20.40
CA HIS A 445 13.24 14.16 20.12
C HIS A 445 13.19 13.92 18.61
N GLY A 446 14.30 13.49 18.04
CA GLY A 446 14.36 13.24 16.61
C GLY A 446 14.40 14.52 15.81
N LYS A 447 14.06 14.39 14.52
CA LYS A 447 14.04 15.50 13.59
C LYS A 447 12.62 15.68 13.07
N LEU A 448 12.41 16.78 12.36
CA LEU A 448 11.09 17.10 11.81
C LEU A 448 10.96 16.58 10.38
N ARG A 449 9.75 16.62 9.89
CA ARG A 449 9.29 16.27 8.56
C ARG A 449 9.14 17.52 7.70
N PRO A 450 9.21 17.38 6.37
CA PRO A 450 9.01 18.55 5.50
C PRO A 450 7.71 19.28 5.75
N PHE A 451 7.79 20.61 5.93
CA PHE A 451 6.63 21.47 6.17
C PHE A 451 5.89 21.06 7.45
N GLU A 452 6.64 20.90 8.53
CA GLU A 452 6.07 20.57 9.83
C GLU A 452 6.25 21.76 10.77
N ARG A 453 5.18 22.09 11.49
CA ARG A 453 5.19 23.19 12.47
C ARG A 453 4.86 22.62 13.83
N ASP A 454 5.84 22.58 14.72
CA ASP A 454 5.68 22.03 16.07
C ASP A 454 5.62 23.20 17.05
N ILE A 455 4.40 23.59 17.41
CA ILE A 455 4.16 24.67 18.36
C ILE A 455 3.92 24.02 19.72
N SER A 456 4.94 24.00 20.55
CA SER A 456 4.83 23.40 21.88
C SER A 456 5.87 24.03 22.80
N ASN A 457 5.64 23.88 24.10
CA ASN A 457 6.55 24.45 25.10
C ASN A 457 6.80 23.49 26.26
N VAL A 458 6.55 22.20 26.07
CA VAL A 458 6.76 21.20 27.12
C VAL A 458 8.25 21.08 27.40
N PRO A 459 8.65 20.80 28.64
CA PRO A 459 10.07 20.66 28.95
C PRO A 459 10.71 19.49 28.21
N PHE A 460 12.02 19.58 28.02
CA PHE A 460 12.78 18.58 27.30
C PHE A 460 13.68 17.83 28.26
N SER A 461 13.89 16.54 27.96
CA SER A 461 14.75 15.68 28.76
C SER A 461 15.22 14.53 27.88
N PRO A 462 16.43 14.02 28.09
CA PRO A 462 16.89 12.89 27.25
C PRO A 462 15.97 11.69 27.32
N ASP A 463 15.55 11.29 28.51
CA ASP A 463 14.62 10.19 28.69
C ASP A 463 13.20 10.75 28.77
N GLY A 464 12.25 9.90 29.15
CA GLY A 464 10.88 10.33 29.34
C GLY A 464 10.67 11.03 30.66
N LYS A 465 9.56 10.75 31.33
CA LYS A 465 9.26 11.31 32.65
C LYS A 465 9.27 12.83 32.59
N PRO A 466 8.27 13.46 31.95
CA PRO A 466 8.26 14.93 31.84
C PRO A 466 8.49 15.64 33.17
N CYS A 467 9.58 16.39 33.23
CA CYS A 467 10.06 17.01 34.46
C CYS A 467 9.58 18.46 34.54
N THR A 468 9.99 19.12 35.62
CA THR A 468 9.71 20.52 35.86
C THR A 468 10.84 21.39 35.32
N PRO A 469 10.57 22.66 35.04
CA PRO A 469 11.63 23.57 34.57
C PRO A 469 12.80 23.63 35.54
N PRO A 470 12.58 23.63 36.88
CA PRO A 470 13.72 23.46 37.80
C PRO A 470 14.08 21.98 37.93
N ALA A 471 15.25 21.61 37.43
CA ALA A 471 15.71 20.23 37.47
C ALA A 471 17.22 20.23 37.29
N LEU A 472 17.79 19.04 37.10
CA LEU A 472 19.22 18.88 36.90
C LEU A 472 19.59 18.60 35.45
N ASN A 473 18.79 17.81 34.73
CA ASN A 473 19.07 17.47 33.34
C ASN A 473 17.93 17.86 32.40
N CYS A 474 16.98 18.66 32.87
CA CYS A 474 15.84 19.09 32.06
C CYS A 474 15.96 20.58 31.79
N TYR A 475 15.83 20.97 30.52
CA TYR A 475 16.00 22.35 30.10
C TYR A 475 14.81 22.76 29.23
N TRP A 476 14.73 24.05 28.94
CA TRP A 476 13.67 24.56 28.10
C TRP A 476 13.92 24.17 26.64
N PRO A 477 12.87 23.93 25.86
CA PRO A 477 13.05 23.51 24.46
C PRO A 477 13.34 24.65 23.50
N LEU A 478 13.12 25.90 23.89
CA LEU A 478 13.31 27.04 23.01
C LEU A 478 14.32 28.00 23.61
N ASN A 479 14.95 28.78 22.73
CA ASN A 479 15.93 29.78 23.14
C ASN A 479 15.74 31.03 22.31
N ASP A 480 15.85 32.19 22.96
CA ASP A 480 15.65 33.46 22.28
C ASP A 480 16.86 33.82 21.43
N TYR A 481 16.60 34.42 20.27
CA TYR A 481 17.68 34.82 19.38
C TYR A 481 18.56 35.89 20.02
N GLY A 482 17.98 37.06 20.30
CA GLY A 482 18.74 38.16 20.87
C GLY A 482 19.33 39.07 19.82
N PHE A 483 18.48 39.55 18.90
CA PHE A 483 18.95 40.39 17.81
C PHE A 483 19.32 41.78 18.31
N TYR A 484 20.46 42.29 17.86
CA TYR A 484 20.93 43.63 18.15
C TYR A 484 21.12 44.40 16.85
N THR A 485 21.67 45.61 16.97
CA THR A 485 21.97 46.44 15.81
C THR A 485 23.40 46.93 15.77
N THR A 486 24.22 46.60 16.76
CA THR A 486 25.62 47.00 16.82
C THR A 486 26.54 45.78 16.67
N THR A 487 26.14 44.84 15.82
CA THR A 487 26.91 43.62 15.58
C THR A 487 27.28 43.53 14.10
N GLY A 488 27.91 42.42 13.73
CA GLY A 488 28.33 42.21 12.37
C GLY A 488 27.16 41.93 11.44
N ILE A 489 27.50 41.69 10.18
CA ILE A 489 26.47 41.41 9.17
C ILE A 489 25.89 40.01 9.34
N GLY A 490 26.52 39.15 10.11
CA GLY A 490 26.03 37.81 10.32
C GLY A 490 24.85 37.74 11.26
N TYR A 491 24.98 38.32 12.44
CA TYR A 491 23.92 38.29 13.46
C TYR A 491 22.98 39.47 13.21
N GLN A 492 22.11 39.29 12.21
CA GLN A 492 21.13 40.30 11.83
C GLN A 492 19.79 39.63 11.56
N PRO A 493 18.68 40.29 11.90
CA PRO A 493 17.36 39.69 11.67
C PRO A 493 16.96 39.71 10.20
N TYR A 494 16.91 38.54 9.57
CA TYR A 494 16.50 38.40 8.19
C TYR A 494 15.11 37.77 8.12
N ARG A 495 14.28 38.29 7.23
CA ARG A 495 12.93 37.78 7.02
C ARG A 495 12.91 36.89 5.78
N VAL A 496 12.61 35.61 5.97
CA VAL A 496 12.64 34.62 4.90
C VAL A 496 11.20 34.29 4.50
N VAL A 497 10.93 34.36 3.20
CA VAL A 497 9.62 34.02 2.65
C VAL A 497 9.83 32.83 1.71
N VAL A 498 9.42 31.65 2.16
CA VAL A 498 9.61 30.43 1.40
C VAL A 498 8.32 30.13 0.65
N LEU A 499 8.35 30.28 -0.68
CA LEU A 499 7.21 29.96 -1.53
C LEU A 499 7.32 28.50 -1.95
N SER A 500 6.19 27.79 -1.95
CA SER A 500 6.14 26.37 -2.27
C SER A 500 5.08 26.17 -3.36
N PHE A 501 5.53 25.85 -4.57
CA PHE A 501 4.63 25.65 -5.70
C PHE A 501 4.14 24.21 -5.71
N GLU A 502 2.82 24.04 -5.73
CA GLU A 502 2.19 22.73 -5.80
C GLU A 502 1.59 22.52 -7.19
N LEU A 503 2.29 21.77 -8.03
CA LEU A 503 1.87 21.59 -9.42
C LEU A 503 1.08 20.30 -9.61
N LEU A 504 -0.16 20.28 -9.15
CA LEU A 504 -1.03 19.14 -9.37
C LEU A 504 -1.77 19.30 -10.70
N ASN A 505 -2.08 18.17 -11.33
CA ASN A 505 -2.83 18.17 -12.59
C ASN A 505 -4.30 18.43 -12.29
N ALA A 506 -4.57 19.65 -11.84
CA ALA A 506 -5.91 20.08 -11.44
C ALA A 506 -6.31 21.28 -12.27
N PRO A 507 -7.59 21.71 -12.24
CA PRO A 507 -7.97 22.95 -12.92
C PRO A 507 -7.11 24.13 -12.50
N ALA A 508 -6.48 24.77 -13.48
CA ALA A 508 -5.53 25.85 -13.21
C ALA A 508 -6.22 27.02 -12.52
N THR A 509 -5.72 27.38 -11.35
CA THR A 509 -6.25 28.48 -10.56
C THR A 509 -5.35 29.71 -10.56
N VAL A 510 -4.03 29.52 -10.55
CA VAL A 510 -3.07 30.61 -10.57
C VAL A 510 -2.16 30.40 -11.78
N CYS A 511 -2.27 31.30 -12.76
CA CYS A 511 -1.44 31.29 -13.96
C CYS A 511 -0.59 32.57 -14.00
N GLY A 512 0.12 32.77 -15.09
CA GLY A 512 0.89 33.97 -15.30
C GLY A 512 0.03 35.08 -15.89
N PRO A 513 0.63 36.27 -16.05
CA PRO A 513 -0.12 37.39 -16.62
C PRO A 513 -0.44 37.19 -18.10
N LYS A 514 -1.15 38.16 -18.68
CA LYS A 514 -1.49 38.15 -20.10
C LYS A 514 -2.25 36.89 -20.50
N GLN B 1 -4.40 7.41 17.80
CA GLN B 1 -3.53 7.06 16.68
C GLN B 1 -4.28 7.19 15.36
N VAL B 2 -3.53 7.49 14.29
CA VAL B 2 -4.14 7.66 12.97
C VAL B 2 -4.70 6.34 12.49
N GLN B 3 -5.96 6.36 12.05
CA GLN B 3 -6.62 5.16 11.54
C GLN B 3 -7.62 5.59 10.46
N LEU B 4 -7.53 4.96 9.30
CA LEU B 4 -8.42 5.26 8.18
C LEU B 4 -9.43 4.13 8.04
N VAL B 5 -10.71 4.43 8.31
CA VAL B 5 -11.79 3.46 8.21
C VAL B 5 -12.53 3.70 6.89
N GLN B 6 -12.78 2.62 6.16
CA GLN B 6 -13.46 2.68 4.88
C GLN B 6 -14.84 2.04 5.00
N SER B 7 -15.53 1.96 3.86
CA SER B 7 -16.84 1.31 3.80
C SER B 7 -16.64 -0.19 3.60
N GLY B 8 -17.74 -0.93 3.51
CA GLY B 8 -17.68 -2.36 3.31
C GLY B 8 -17.59 -2.74 1.85
N ALA B 9 -18.00 -3.96 1.52
CA ALA B 9 -17.99 -4.42 0.14
C ALA B 9 -19.08 -3.70 -0.67
N GLU B 10 -18.91 -3.73 -1.99
CA GLU B 10 -19.84 -3.06 -2.88
C GLU B 10 -19.82 -3.77 -4.23
N VAL B 11 -20.84 -4.57 -4.50
CA VAL B 11 -20.97 -5.24 -5.79
C VAL B 11 -21.75 -4.35 -6.73
N LYS B 12 -21.20 -4.14 -7.93
CA LYS B 12 -21.83 -3.28 -8.93
C LYS B 12 -21.98 -4.06 -10.22
N LYS B 13 -22.54 -3.40 -11.22
CA LYS B 13 -22.82 -4.00 -12.52
C LYS B 13 -21.82 -3.53 -13.56
N PRO B 14 -21.63 -4.31 -14.63
CA PRO B 14 -20.65 -3.90 -15.67
C PRO B 14 -21.14 -2.73 -16.50
N GLY B 15 -20.95 -1.52 -15.98
CA GLY B 15 -21.36 -0.32 -16.69
C GLY B 15 -21.85 0.78 -15.77
N ALA B 16 -22.01 0.48 -14.50
CA ALA B 16 -22.44 1.46 -13.51
C ALA B 16 -21.23 2.14 -12.89
N SER B 17 -21.44 2.92 -11.83
CA SER B 17 -20.39 3.64 -11.15
C SER B 17 -20.32 3.20 -9.69
N VAL B 18 -19.12 3.30 -9.12
CA VAL B 18 -18.86 2.91 -7.74
C VAL B 18 -18.36 4.13 -6.99
N LYS B 19 -18.92 4.35 -5.79
CA LYS B 19 -18.53 5.46 -4.93
C LYS B 19 -18.13 4.90 -3.57
N VAL B 20 -16.83 4.86 -3.30
CA VAL B 20 -16.29 4.32 -2.06
C VAL B 20 -15.69 5.47 -1.26
N SER B 21 -16.01 5.52 0.03
CA SER B 21 -15.57 6.59 0.91
C SER B 21 -14.36 6.14 1.73
N CYS B 22 -13.71 7.11 2.37
CA CYS B 22 -12.51 6.86 3.18
C CYS B 22 -12.51 7.87 4.32
N LYS B 23 -13.02 7.45 5.48
CA LYS B 23 -13.11 8.34 6.62
C LYS B 23 -11.77 8.40 7.35
N THR B 24 -11.30 9.62 7.60
CA THR B 24 -10.04 9.84 8.29
C THR B 24 -10.28 10.35 9.71
N SER B 25 -9.40 9.95 10.61
CA SER B 25 -9.50 10.35 12.01
C SER B 25 -8.15 10.11 12.69
N GLY B 26 -7.93 10.86 13.76
CA GLY B 26 -6.71 10.74 14.55
C GLY B 26 -5.66 11.80 14.26
N TYR B 27 -5.84 12.60 13.21
CA TYR B 27 -4.89 13.64 12.87
C TYR B 27 -5.64 14.82 12.29
N THR B 28 -4.90 15.91 12.06
CA THR B 28 -5.47 17.13 11.50
C THR B 28 -5.63 16.95 9.98
N PHE B 29 -6.87 16.82 9.53
CA PHE B 29 -7.14 16.61 8.11
C PHE B 29 -7.15 17.94 7.35
N THR B 30 -6.07 18.71 7.47
CA THR B 30 -5.96 19.97 6.76
C THR B 30 -4.67 20.02 5.95
N ASP B 31 -3.59 19.45 6.50
CA ASP B 31 -2.28 19.44 5.85
C ASP B 31 -1.79 18.00 5.78
N HIS B 32 -2.24 17.27 4.76
CA HIS B 32 -1.80 15.90 4.52
C HIS B 32 -2.27 15.43 3.15
N TYR B 33 -1.37 14.86 2.36
CA TYR B 33 -1.73 14.34 1.05
C TYR B 33 -2.44 12.99 1.19
N MET B 34 -3.60 12.87 0.55
CA MET B 34 -4.35 11.63 0.51
C MET B 34 -4.16 10.95 -0.84
N TYR B 35 -4.14 9.62 -0.84
CA TYR B 35 -3.93 8.84 -2.04
C TYR B 35 -4.96 7.72 -2.09
N TRP B 36 -5.05 7.07 -3.26
CA TRP B 36 -5.97 5.96 -3.46
C TRP B 36 -5.29 4.93 -4.36
N VAL B 37 -5.13 3.71 -3.84
CA VAL B 37 -4.48 2.64 -4.58
C VAL B 37 -5.44 1.46 -4.69
N ARG B 38 -5.19 0.61 -5.68
CA ARG B 38 -6.03 -0.56 -5.95
C ARG B 38 -5.15 -1.75 -6.29
N GLN B 39 -5.42 -2.89 -5.66
CA GLN B 39 -4.65 -4.11 -5.87
C GLN B 39 -5.55 -5.17 -6.48
N ALA B 40 -5.22 -5.61 -7.69
CA ALA B 40 -5.94 -6.70 -8.32
C ALA B 40 -5.56 -8.03 -7.68
N PRO B 41 -6.48 -9.00 -7.67
CA PRO B 41 -6.16 -10.32 -7.10
C PRO B 41 -4.99 -10.99 -7.80
N GLY B 42 -3.88 -11.16 -7.08
CA GLY B 42 -2.67 -11.72 -7.63
C GLY B 42 -1.76 -10.71 -8.29
N GLN B 43 -2.31 -9.64 -8.86
CA GLN B 43 -1.52 -8.60 -9.51
C GLN B 43 -1.08 -7.57 -8.48
N GLY B 44 -0.54 -6.45 -8.96
CA GLY B 44 -0.07 -5.38 -8.11
C GLY B 44 -0.91 -4.12 -8.20
N LEU B 45 -0.43 -3.08 -7.54
CA LEU B 45 -1.11 -1.80 -7.50
C LEU B 45 -0.43 -0.82 -8.44
N GLU B 46 -1.21 -0.14 -9.28
CA GLU B 46 -0.61 0.82 -10.22
C GLU B 46 -1.62 1.93 -10.53
N TRP B 47 -1.58 2.98 -9.69
CA TRP B 47 -2.04 4.32 -10.03
C TRP B 47 -1.77 5.22 -8.84
N MET B 48 -1.74 6.53 -9.10
CA MET B 48 -1.42 7.50 -8.05
C MET B 48 -2.63 7.83 -7.20
N GLY B 49 -3.65 8.43 -7.82
CA GLY B 49 -4.86 8.82 -7.11
C GLY B 49 -4.60 9.84 -6.02
N VAL B 50 -3.69 10.78 -6.27
CA VAL B 50 -3.34 11.79 -5.28
C VAL B 50 -4.44 12.84 -5.23
N ILE B 51 -5.01 13.03 -4.05
CA ILE B 51 -6.07 14.01 -3.83
C ILE B 51 -5.62 14.97 -2.74
N ASN B 52 -5.56 16.26 -3.08
CA ASN B 52 -5.23 17.29 -2.11
C ASN B 52 -6.51 17.78 -1.44
N PRO B 53 -6.74 17.46 -0.17
CA PRO B 53 -8.04 17.75 0.45
C PRO B 53 -8.26 19.22 0.78
N ASP B 54 -7.29 20.09 0.44
CA ASP B 54 -7.38 21.47 0.88
C ASP B 54 -8.62 22.17 0.31
N ALA B 55 -8.65 22.40 -1.00
CA ALA B 55 -9.87 22.93 -1.59
C ALA B 55 -10.46 22.02 -2.67
N GLY B 56 -9.73 21.82 -3.76
CA GLY B 56 -10.23 20.98 -4.84
C GLY B 56 -9.17 20.26 -5.66
N SER B 57 -7.91 20.34 -5.24
CA SER B 57 -6.81 19.90 -6.09
C SER B 57 -6.81 18.39 -6.24
N VAL B 58 -6.77 17.91 -7.50
CA VAL B 58 -6.79 16.49 -7.82
C VAL B 58 -5.75 16.22 -8.89
N THR B 59 -5.33 14.97 -9.00
CA THR B 59 -4.41 14.51 -10.04
C THR B 59 -4.58 13.02 -10.20
N TYR B 60 -4.89 12.57 -11.41
CA TYR B 60 -5.17 11.16 -11.67
C TYR B 60 -4.06 10.53 -12.50
N ALA B 61 -4.21 9.24 -12.77
CA ALA B 61 -3.23 8.48 -13.52
C ALA B 61 -3.48 8.63 -15.02
N GLN B 62 -2.74 7.87 -15.82
CA GLN B 62 -2.91 7.88 -17.27
C GLN B 62 -3.99 6.89 -17.72
N LYS B 63 -3.99 5.70 -17.13
CA LYS B 63 -5.01 4.71 -17.47
C LYS B 63 -6.37 5.12 -16.93
N PHE B 64 -6.42 6.06 -15.99
CA PHE B 64 -7.65 6.53 -15.37
C PHE B 64 -7.67 8.05 -15.49
N GLN B 65 -8.20 8.56 -16.60
CA GLN B 65 -8.25 9.99 -16.86
C GLN B 65 -9.66 10.55 -16.78
N GLY B 66 -10.61 9.96 -17.51
CA GLY B 66 -11.99 10.41 -17.47
C GLY B 66 -12.90 9.42 -16.76
N ARG B 67 -12.32 8.34 -16.23
CA ARG B 67 -13.10 7.33 -15.55
C ARG B 67 -13.22 7.57 -14.05
N VAL B 68 -12.23 8.22 -13.45
CA VAL B 68 -12.20 8.44 -12.00
C VAL B 68 -12.33 9.94 -11.72
N THR B 69 -13.08 10.28 -10.68
CA THR B 69 -13.22 11.65 -10.23
C THR B 69 -13.30 11.64 -8.71
N MET B 70 -12.38 12.36 -8.06
CA MET B 70 -12.28 12.36 -6.61
C MET B 70 -12.71 13.72 -6.05
N THR B 71 -13.07 13.71 -4.78
CA THR B 71 -13.50 14.92 -4.10
C THR B 71 -13.29 14.74 -2.60
N SER B 72 -13.23 15.87 -1.89
CA SER B 72 -13.00 15.87 -0.46
C SER B 72 -14.08 16.70 0.23
N ASP B 73 -14.20 16.50 1.54
CA ASP B 73 -15.16 17.22 2.37
C ASP B 73 -14.47 17.59 3.67
N THR B 74 -14.11 18.86 3.82
CA THR B 74 -13.42 19.32 5.01
C THR B 74 -14.29 19.30 6.26
N SER B 75 -15.62 19.16 6.11
CA SER B 75 -16.51 19.12 7.25
C SER B 75 -16.57 17.72 7.86
N THR B 76 -16.78 16.70 7.04
CA THR B 76 -16.85 15.32 7.51
C THR B 76 -15.49 14.63 7.52
N SER B 77 -14.47 15.24 6.92
CA SER B 77 -13.13 14.66 6.85
C SER B 77 -13.16 13.26 6.22
N THR B 78 -13.63 13.21 4.98
CA THR B 78 -13.75 11.94 4.26
C THR B 78 -13.64 12.23 2.77
N VAL B 79 -12.70 11.55 2.11
CA VAL B 79 -12.52 11.68 0.67
C VAL B 79 -13.38 10.63 -0.03
N TYR B 80 -13.81 10.96 -1.25
CA TYR B 80 -14.69 10.09 -2.02
C TYR B 80 -14.10 9.84 -3.40
N MET B 81 -14.15 8.59 -3.83
CA MET B 81 -13.70 8.19 -5.17
C MET B 81 -14.92 7.73 -5.97
N GLU B 82 -15.04 8.23 -7.20
CA GLU B 82 -16.14 7.88 -8.09
C GLU B 82 -15.54 7.36 -9.39
N LEU B 83 -15.59 6.04 -9.58
CA LEU B 83 -15.06 5.39 -10.77
C LEU B 83 -16.21 4.92 -11.64
N SER B 84 -16.34 5.50 -12.82
CA SER B 84 -17.40 5.15 -13.76
C SER B 84 -16.88 4.22 -14.85
N SER B 85 -17.81 3.69 -15.63
CA SER B 85 -17.51 2.77 -16.74
C SER B 85 -16.72 1.56 -16.24
N LEU B 86 -17.34 0.82 -15.32
CA LEU B 86 -16.70 -0.36 -14.74
C LEU B 86 -16.73 -1.51 -15.74
N ARG B 87 -15.55 -1.93 -16.19
CA ARG B 87 -15.44 -3.07 -17.09
C ARG B 87 -15.29 -4.35 -16.27
N SER B 88 -14.97 -5.45 -16.94
CA SER B 88 -14.80 -6.74 -16.29
C SER B 88 -13.39 -6.94 -15.73
N GLU B 89 -12.53 -5.92 -15.83
CA GLU B 89 -11.16 -6.00 -15.33
C GLU B 89 -10.91 -5.04 -14.17
N ASP B 90 -11.97 -4.59 -13.50
CA ASP B 90 -11.85 -3.68 -12.37
C ASP B 90 -12.22 -4.34 -11.05
N THR B 91 -12.45 -5.66 -11.04
CA THR B 91 -12.79 -6.38 -9.83
C THR B 91 -11.55 -6.50 -8.96
N ALA B 92 -11.38 -5.59 -8.01
CA ALA B 92 -10.19 -5.57 -7.18
C ALA B 92 -10.49 -4.85 -5.89
N VAL B 93 -9.52 -4.88 -4.98
CA VAL B 93 -9.64 -4.22 -3.69
C VAL B 93 -9.06 -2.82 -3.80
N TYR B 94 -9.83 -1.83 -3.36
CA TYR B 94 -9.43 -0.42 -3.42
C TYR B 94 -9.00 0.04 -2.04
N TYR B 95 -7.79 0.62 -1.97
CA TYR B 95 -7.24 1.14 -0.72
C TYR B 95 -7.12 2.66 -0.79
N CYS B 96 -7.16 3.29 0.38
CA CYS B 96 -6.86 4.71 0.52
C CYS B 96 -5.77 4.88 1.55
N ALA B 97 -4.68 5.54 1.16
CA ALA B 97 -3.52 5.69 2.03
C ALA B 97 -3.18 7.16 2.17
N ARG B 98 -2.59 7.51 3.32
CA ARG B 98 -2.16 8.87 3.60
C ARG B 98 -0.74 9.07 3.07
N ASP B 99 -0.13 10.19 3.42
CA ASP B 99 1.24 10.50 3.04
C ASP B 99 2.09 10.70 4.28
N LEU B 100 3.40 10.54 4.11
CA LEU B 100 4.34 10.76 5.20
C LEU B 100 4.73 12.22 5.35
N PHE B 101 4.64 13.00 4.28
CA PHE B 101 4.94 14.43 4.32
C PHE B 101 3.63 15.22 4.36
N PHE B 102 3.76 16.54 4.32
CA PHE B 102 2.61 17.43 4.39
C PHE B 102 2.14 17.77 2.97
N ILE B 103 1.26 18.77 2.87
CA ILE B 103 0.59 19.04 1.58
C ILE B 103 1.55 19.50 0.49
N PRO B 104 2.50 20.42 0.74
CA PRO B 104 3.37 20.84 -0.37
C PRO B 104 4.28 19.74 -0.86
N ALA B 105 4.83 18.93 0.05
CA ALA B 105 5.73 17.85 -0.33
C ALA B 105 4.94 16.57 -0.62
N ALA B 106 5.65 15.50 -0.94
CA ALA B 106 5.04 14.22 -1.23
C ALA B 106 6.09 13.13 -1.03
N ASN B 107 5.65 11.99 -0.51
CA ASN B 107 6.55 10.88 -0.22
C ASN B 107 5.73 9.59 -0.19
N SER B 108 6.32 8.53 0.35
CA SER B 108 5.66 7.25 0.42
C SER B 108 4.44 7.29 1.32
N PHE B 109 3.59 6.26 1.20
CA PHE B 109 2.40 6.15 2.02
C PHE B 109 2.78 5.60 3.39
N ASP B 110 2.11 6.11 4.42
CA ASP B 110 2.42 5.71 5.79
C ASP B 110 1.26 5.06 6.51
N TYR B 111 0.04 5.59 6.37
CA TYR B 111 -1.15 5.03 7.00
C TYR B 111 -2.12 4.59 5.93
N TRP B 112 -2.40 3.30 5.88
CA TRP B 112 -3.32 2.71 4.92
C TRP B 112 -4.69 2.49 5.55
N GLY B 113 -5.68 2.26 4.70
CA GLY B 113 -7.04 2.00 5.16
C GLY B 113 -7.28 0.54 5.46
N GLN B 114 -8.40 0.00 4.97
CA GLN B 114 -8.73 -1.40 5.18
C GLN B 114 -9.12 -2.14 3.91
N GLY B 115 -9.49 -1.45 2.84
CA GLY B 115 -9.83 -2.09 1.59
C GLY B 115 -11.32 -2.07 1.32
N THR B 116 -11.67 -2.20 0.04
CA THR B 116 -13.05 -2.21 -0.41
C THR B 116 -13.15 -3.18 -1.58
N LEU B 117 -13.63 -4.39 -1.31
CA LEU B 117 -13.73 -5.43 -2.33
C LEU B 117 -14.89 -5.11 -3.26
N VAL B 118 -14.58 -4.73 -4.50
CA VAL B 118 -15.58 -4.39 -5.50
C VAL B 118 -15.51 -5.41 -6.63
N THR B 119 -16.65 -5.99 -6.97
CA THR B 119 -16.76 -6.97 -8.04
C THR B 119 -17.88 -6.57 -8.99
N VAL B 120 -17.86 -7.16 -10.19
CA VAL B 120 -18.85 -6.84 -11.21
C VAL B 120 -19.39 -8.13 -11.85
N SER B 121 -20.52 -8.61 -11.35
CA SER B 121 -21.18 -9.79 -11.90
C SER B 121 -22.60 -9.85 -11.33
N SER B 122 -23.29 -10.97 -11.55
CA SER B 122 -24.65 -11.17 -11.10
C SER B 122 -24.68 -12.13 -9.92
N THR B 123 -25.54 -11.85 -8.95
CA THR B 123 -25.61 -12.65 -7.74
C THR B 123 -26.46 -13.90 -7.96
N LYS B 124 -26.18 -14.93 -7.16
CA LYS B 124 -26.93 -16.18 -7.19
C LYS B 124 -26.70 -16.89 -5.86
N GLY B 125 -27.08 -18.17 -5.80
CA GLY B 125 -26.92 -18.96 -4.61
C GLY B 125 -25.95 -20.11 -4.79
N PRO B 126 -25.51 -20.70 -3.67
CA PRO B 126 -24.54 -21.80 -3.75
C PRO B 126 -25.18 -23.16 -3.93
N SER B 127 -24.35 -24.21 -3.97
CA SER B 127 -24.84 -25.58 -4.06
C SER B 127 -23.74 -26.51 -3.58
N VAL B 128 -24.05 -27.39 -2.65
CA VAL B 128 -23.07 -28.27 -2.03
C VAL B 128 -23.16 -29.65 -2.67
N PHE B 129 -22.04 -30.12 -3.21
CA PHE B 129 -21.94 -31.45 -3.80
C PHE B 129 -20.83 -32.22 -3.09
N PRO B 130 -21.17 -33.21 -2.27
CA PRO B 130 -20.13 -33.91 -1.51
C PRO B 130 -19.29 -34.82 -2.39
N LEU B 131 -18.02 -34.98 -2.00
CA LEU B 131 -17.11 -35.87 -2.70
C LEU B 131 -17.31 -37.30 -2.19
N ALA B 132 -16.42 -38.20 -2.58
CA ALA B 132 -16.54 -39.61 -2.23
C ALA B 132 -15.20 -40.12 -1.69
N PRO B 133 -15.16 -40.61 -0.45
CA PRO B 133 -13.92 -41.22 0.09
C PRO B 133 -13.70 -42.63 -0.46
N SER B 134 -13.09 -42.70 -1.63
CA SER B 134 -12.83 -43.98 -2.29
C SER B 134 -11.97 -44.86 -1.41
N SER B 135 -12.48 -46.05 -1.08
CA SER B 135 -11.76 -46.97 -0.21
C SER B 135 -10.53 -47.56 -0.89
N LYS B 136 -10.44 -47.49 -2.21
CA LYS B 136 -9.27 -48.03 -2.90
C LYS B 136 -8.06 -47.11 -2.72
N SER B 137 -8.29 -45.80 -2.69
CA SER B 137 -7.21 -44.83 -2.52
C SER B 137 -7.01 -44.47 -1.04
N THR B 138 -6.80 -45.49 -0.20
CA THR B 138 -6.58 -45.30 1.21
C THR B 138 -5.18 -45.72 1.64
N SER B 139 -4.23 -45.75 0.70
CA SER B 139 -2.86 -46.11 1.03
C SER B 139 -2.21 -45.03 1.88
N GLY B 140 -1.58 -45.43 2.98
CA GLY B 140 -0.93 -44.51 3.89
C GLY B 140 -1.56 -44.40 5.26
N GLY B 141 -2.57 -45.22 5.58
CA GLY B 141 -3.21 -45.18 6.88
C GLY B 141 -4.30 -44.13 7.03
N THR B 142 -4.37 -43.16 6.14
CA THR B 142 -5.36 -42.09 6.20
C THR B 142 -6.24 -42.12 4.94
N ALA B 143 -7.21 -41.21 4.90
CA ALA B 143 -8.13 -41.10 3.78
C ALA B 143 -8.36 -39.62 3.50
N ALA B 144 -9.38 -39.33 2.69
CA ALA B 144 -9.70 -37.95 2.34
C ALA B 144 -11.20 -37.81 2.15
N LEU B 145 -11.67 -36.57 2.24
CA LEU B 145 -13.09 -36.26 2.10
C LEU B 145 -13.20 -34.98 1.27
N GLY B 146 -14.40 -34.41 1.25
CA GLY B 146 -14.62 -33.19 0.50
C GLY B 146 -16.05 -32.67 0.49
N CYS B 147 -16.20 -31.36 0.34
CA CYS B 147 -17.48 -30.69 0.27
C CYS B 147 -17.47 -29.68 -0.88
N LEU B 148 -17.05 -30.15 -2.06
CA LEU B 148 -16.94 -29.30 -3.25
C LEU B 148 -18.19 -28.49 -3.48
N VAL B 149 -18.05 -27.16 -3.44
CA VAL B 149 -19.16 -26.24 -3.62
C VAL B 149 -19.38 -26.03 -5.12
N LYS B 150 -20.50 -25.40 -5.48
CA LYS B 150 -20.82 -25.13 -6.88
C LYS B 150 -20.87 -23.63 -7.12
N ASP B 151 -21.34 -23.22 -8.29
CA ASP B 151 -21.30 -21.82 -8.69
C ASP B 151 -22.01 -20.92 -7.69
N TYR B 152 -21.29 -19.92 -7.18
CA TYR B 152 -21.86 -18.90 -6.31
C TYR B 152 -21.03 -17.64 -6.45
N PHE B 153 -21.70 -16.52 -6.68
CA PHE B 153 -20.99 -15.27 -6.97
C PHE B 153 -20.41 -14.61 -5.71
N PRO B 154 -21.21 -14.29 -4.68
CA PRO B 154 -20.65 -13.54 -3.55
C PRO B 154 -19.76 -14.44 -2.70
N GLU B 155 -18.61 -13.90 -2.30
CA GLU B 155 -17.68 -14.72 -1.53
C GLU B 155 -17.30 -14.16 -0.16
N PRO B 156 -18.28 -13.77 0.70
CA PRO B 156 -18.01 -13.70 2.14
C PRO B 156 -18.41 -15.01 2.84
N VAL B 157 -17.91 -16.13 2.33
CA VAL B 157 -18.36 -17.44 2.75
C VAL B 157 -17.26 -18.12 3.55
N THR B 158 -17.63 -19.24 4.18
CA THR B 158 -16.70 -20.03 4.98
C THR B 158 -17.26 -21.44 5.11
N VAL B 159 -16.37 -22.37 5.43
CA VAL B 159 -16.73 -23.76 5.62
C VAL B 159 -16.17 -24.23 6.97
N SER B 160 -16.58 -25.41 7.38
CA SER B 160 -16.13 -26.00 8.64
C SER B 160 -16.37 -27.50 8.58
N TRP B 161 -16.08 -28.18 9.69
CA TRP B 161 -16.29 -29.61 9.81
C TRP B 161 -16.85 -29.91 11.19
N ASN B 162 -18.04 -30.49 11.23
CA ASN B 162 -18.74 -30.77 12.49
C ASN B 162 -18.89 -29.50 13.33
N SER B 163 -19.34 -28.43 12.66
CA SER B 163 -19.54 -27.11 13.28
C SER B 163 -18.27 -26.57 13.92
N GLY B 164 -17.11 -26.95 13.40
CA GLY B 164 -15.84 -26.50 13.93
C GLY B 164 -15.16 -27.43 14.91
N ALA B 165 -15.60 -28.69 15.02
CA ALA B 165 -15.01 -29.61 15.97
C ALA B 165 -13.62 -30.05 15.52
N LEU B 166 -13.54 -30.67 14.34
CA LEU B 166 -12.27 -31.15 13.82
C LEU B 166 -11.52 -30.01 13.13
N THR B 167 -10.32 -29.71 13.62
CA THR B 167 -9.48 -28.65 13.06
C THR B 167 -8.13 -29.19 12.62
N SER B 168 -8.09 -30.44 12.15
CA SER B 168 -6.87 -31.07 11.67
C SER B 168 -7.06 -31.39 10.19
N GLY B 169 -6.39 -30.64 9.33
CA GLY B 169 -6.56 -30.81 7.90
C GLY B 169 -7.76 -30.09 7.34
N VAL B 170 -7.93 -28.81 7.66
CA VAL B 170 -9.10 -28.04 7.25
C VAL B 170 -8.74 -27.16 6.07
N HIS B 171 -7.73 -27.56 5.31
CA HIS B 171 -7.28 -26.80 4.15
C HIS B 171 -8.43 -26.47 3.23
N THR B 172 -8.71 -25.18 3.08
CA THR B 172 -9.79 -24.68 2.24
C THR B 172 -9.16 -23.91 1.07
N PHE B 173 -9.31 -24.45 -0.13
CA PHE B 173 -8.72 -23.83 -1.30
C PHE B 173 -9.50 -22.57 -1.69
N PRO B 174 -8.81 -21.53 -2.17
CA PRO B 174 -9.50 -20.31 -2.59
C PRO B 174 -10.42 -20.57 -3.78
N ALA B 175 -11.31 -19.61 -4.02
CA ALA B 175 -12.27 -19.75 -5.10
C ALA B 175 -11.63 -19.40 -6.45
N VAL B 176 -12.29 -19.83 -7.52
CA VAL B 176 -11.83 -19.58 -8.88
C VAL B 176 -13.02 -19.12 -9.71
N LEU B 177 -12.83 -18.06 -10.48
CA LEU B 177 -13.89 -17.52 -11.33
C LEU B 177 -14.02 -18.41 -12.55
N GLN B 178 -15.04 -19.27 -12.54
CA GLN B 178 -15.26 -20.19 -13.65
C GLN B 178 -15.72 -19.43 -14.90
N SER B 179 -15.71 -20.14 -16.03
CA SER B 179 -16.14 -19.53 -17.29
C SER B 179 -17.62 -19.17 -17.28
N SER B 180 -18.42 -19.77 -16.40
CA SER B 180 -19.83 -19.44 -16.33
C SER B 180 -20.04 -18.01 -15.84
N GLY B 181 -19.27 -17.58 -14.85
CA GLY B 181 -19.38 -16.23 -14.34
C GLY B 181 -19.45 -16.17 -12.82
N LEU B 182 -19.41 -17.33 -12.17
CA LEU B 182 -19.49 -17.42 -10.72
C LEU B 182 -18.22 -18.07 -10.18
N TYR B 183 -18.18 -18.24 -8.86
CA TYR B 183 -17.03 -18.81 -8.18
C TYR B 183 -17.36 -20.20 -7.65
N SER B 184 -16.30 -20.94 -7.31
CA SER B 184 -16.45 -22.29 -6.77
C SER B 184 -15.32 -22.54 -5.78
N LEU B 185 -15.68 -23.10 -4.64
CA LEU B 185 -14.75 -23.33 -3.54
C LEU B 185 -14.49 -24.83 -3.39
N SER B 186 -13.63 -25.18 -2.44
CA SER B 186 -13.32 -26.57 -2.15
C SER B 186 -12.80 -26.66 -0.73
N SER B 187 -13.00 -27.83 -0.11
CA SER B 187 -12.54 -28.06 1.25
C SER B 187 -12.45 -29.55 1.48
N VAL B 188 -11.25 -30.04 1.76
CA VAL B 188 -11.01 -31.44 2.02
C VAL B 188 -10.57 -31.60 3.48
N VAL B 189 -10.46 -32.86 3.90
CA VAL B 189 -10.01 -33.19 5.26
C VAL B 189 -9.51 -34.62 5.27
N THR B 190 -8.38 -34.84 5.94
CA THR B 190 -7.76 -36.15 6.03
C THR B 190 -8.06 -36.75 7.41
N VAL B 191 -8.60 -37.96 7.42
CA VAL B 191 -8.96 -38.65 8.66
C VAL B 191 -8.35 -40.05 8.62
N PRO B 192 -8.05 -40.66 9.77
CA PRO B 192 -7.52 -42.02 9.77
C PRO B 192 -8.55 -43.02 9.26
N SER B 193 -8.04 -44.13 8.75
CA SER B 193 -8.92 -45.17 8.22
C SER B 193 -9.75 -45.83 9.31
N SER B 194 -9.23 -45.88 10.54
CA SER B 194 -9.97 -46.49 11.63
C SER B 194 -11.18 -45.67 12.05
N SER B 195 -11.21 -44.38 11.71
CA SER B 195 -12.33 -43.51 12.04
C SER B 195 -13.34 -43.40 10.90
N LEU B 196 -13.29 -44.31 9.94
CA LEU B 196 -14.23 -44.29 8.82
C LEU B 196 -15.59 -44.77 9.27
N GLY B 197 -16.61 -43.94 9.08
CA GLY B 197 -17.98 -44.27 9.43
C GLY B 197 -18.39 -43.92 10.85
N THR B 198 -17.48 -44.10 11.81
CA THR B 198 -17.79 -43.79 13.20
C THR B 198 -17.96 -42.28 13.40
N GLN B 199 -16.92 -41.52 13.10
CA GLN B 199 -16.99 -40.07 13.25
C GLN B 199 -17.81 -39.46 12.11
N THR B 200 -18.66 -38.50 12.47
CA THR B 200 -19.47 -37.81 11.48
C THR B 200 -18.65 -36.76 10.74
N TYR B 201 -18.99 -36.54 9.47
CA TYR B 201 -18.29 -35.57 8.64
C TYR B 201 -19.35 -34.77 7.87
N ILE B 202 -19.70 -33.59 8.40
CA ILE B 202 -20.70 -32.72 7.81
C ILE B 202 -20.15 -31.30 7.78
N CYS B 203 -20.05 -30.73 6.60
CA CYS B 203 -19.60 -29.35 6.46
C CYS B 203 -20.75 -28.38 6.70
N ASN B 204 -20.41 -27.11 6.91
CA ASN B 204 -21.39 -26.06 7.22
C ASN B 204 -21.05 -24.84 6.38
N VAL B 205 -21.84 -24.60 5.33
CA VAL B 205 -21.68 -23.42 4.50
C VAL B 205 -22.45 -22.27 5.13
N ASN B 206 -21.86 -21.08 5.13
CA ASN B 206 -22.43 -19.90 5.78
C ASN B 206 -22.50 -18.75 4.79
N HIS B 207 -23.01 -19.02 3.59
CA HIS B 207 -23.16 -18.00 2.55
C HIS B 207 -24.23 -17.00 3.00
N LYS B 208 -23.80 -15.80 3.38
CA LYS B 208 -24.75 -14.83 3.95
C LYS B 208 -25.57 -14.12 2.89
N PRO B 209 -24.99 -13.57 1.80
CA PRO B 209 -25.82 -12.84 0.83
C PRO B 209 -26.87 -13.70 0.14
N SER B 210 -26.81 -15.03 0.26
CA SER B 210 -27.82 -15.90 -0.32
C SER B 210 -28.79 -16.46 0.71
N ASN B 211 -28.49 -16.34 2.00
CA ASN B 211 -29.33 -16.87 3.07
C ASN B 211 -29.59 -18.37 2.88
N THR B 212 -28.56 -19.08 2.43
CA THR B 212 -28.64 -20.51 2.17
C THR B 212 -27.53 -21.22 2.94
N LYS B 213 -27.93 -22.13 3.83
CA LYS B 213 -26.97 -22.92 4.63
C LYS B 213 -27.31 -24.39 4.43
N VAL B 214 -26.47 -25.09 3.67
CA VAL B 214 -26.69 -26.50 3.34
C VAL B 214 -25.60 -27.31 4.03
N ASP B 215 -26.02 -28.24 4.89
CA ASP B 215 -25.10 -29.13 5.60
C ASP B 215 -25.32 -30.54 5.05
N LYS B 216 -24.36 -31.02 4.26
CA LYS B 216 -24.46 -32.31 3.60
C LYS B 216 -23.47 -33.29 4.22
N LYS B 217 -23.95 -34.48 4.56
CA LYS B 217 -23.10 -35.53 5.13
C LYS B 217 -22.43 -36.31 4.02
N VAL B 218 -21.13 -36.56 4.19
CA VAL B 218 -20.36 -37.30 3.19
C VAL B 218 -20.55 -38.79 3.38
N GLU C 1 6.94 5.93 -18.81
CA GLU C 1 7.17 6.08 -17.37
C GLU C 1 8.22 5.10 -16.87
N ILE C 2 8.73 5.36 -15.67
CA ILE C 2 9.78 4.53 -15.08
C ILE C 2 9.16 3.19 -14.69
N VAL C 3 9.58 2.12 -15.34
CA VAL C 3 9.07 0.78 -15.06
C VAL C 3 10.03 0.10 -14.09
N LEU C 4 9.55 -0.17 -12.88
CA LEU C 4 10.34 -0.86 -11.88
C LEU C 4 10.30 -2.36 -12.13
N THR C 5 11.47 -3.00 -12.13
CA THR C 5 11.59 -4.42 -12.38
C THR C 5 12.29 -5.09 -11.21
N GLN C 6 11.69 -6.16 -10.70
CA GLN C 6 12.28 -6.96 -9.63
C GLN C 6 12.66 -8.32 -10.20
N SER C 7 13.95 -8.68 -10.06
CA SER C 7 14.45 -9.86 -10.75
C SER C 7 13.97 -11.17 -10.11
N PRO C 8 14.20 -11.43 -8.80
CA PRO C 8 13.90 -12.76 -8.26
C PRO C 8 12.42 -13.11 -8.31
N ALA C 9 11.58 -12.29 -7.69
CA ALA C 9 10.13 -12.46 -7.65
C ALA C 9 9.72 -13.69 -6.84
N THR C 10 10.71 -14.46 -6.38
CA THR C 10 10.44 -15.62 -5.53
C THR C 10 11.72 -15.92 -4.76
N LEU C 11 11.71 -15.66 -3.47
CA LEU C 11 12.88 -15.83 -2.61
C LEU C 11 12.51 -16.79 -1.47
N SER C 12 13.01 -18.01 -1.54
CA SER C 12 12.78 -19.01 -0.51
C SER C 12 14.00 -19.06 0.40
N LEU C 13 13.83 -18.60 1.65
CA LEU C 13 14.92 -18.57 2.62
C LEU C 13 14.44 -19.22 3.91
N SER C 14 15.40 -19.43 4.81
CA SER C 14 15.15 -20.06 6.10
C SER C 14 14.94 -19.00 7.18
N PRO C 15 14.30 -19.36 8.29
CA PRO C 15 14.05 -18.37 9.34
C PRO C 15 15.30 -18.04 10.15
N GLY C 16 16.10 -17.09 9.65
CA GLY C 16 17.31 -16.70 10.35
C GLY C 16 18.44 -16.27 9.44
N GLU C 17 18.28 -16.45 8.14
CA GLU C 17 19.27 -15.99 7.18
C GLU C 17 19.00 -14.52 6.82
N ARG C 18 19.70 -14.02 5.80
CA ARG C 18 19.56 -12.64 5.36
C ARG C 18 18.92 -12.59 3.98
N ALA C 19 18.16 -11.53 3.74
CA ALA C 19 17.46 -11.34 2.47
C ALA C 19 18.29 -10.46 1.54
N THR C 20 18.07 -10.64 0.24
CA THR C 20 18.77 -9.90 -0.81
C THR C 20 17.79 -9.36 -1.84
N LEU C 21 16.72 -8.72 -1.35
CA LEU C 21 15.72 -8.16 -2.24
C LEU C 21 16.32 -7.04 -3.08
N SER C 22 15.94 -7.01 -4.36
CA SER C 22 16.45 -6.03 -5.30
C SER C 22 15.31 -5.29 -5.98
N CYS C 23 15.61 -4.10 -6.49
CA CYS C 23 14.63 -3.26 -7.17
C CYS C 23 15.39 -2.36 -8.13
N ARG C 24 15.37 -2.71 -9.41
CA ARG C 24 16.11 -1.99 -10.44
C ARG C 24 15.12 -1.27 -11.35
N ALA C 25 15.38 0.01 -11.62
CA ALA C 25 14.52 0.82 -12.46
C ALA C 25 15.03 0.82 -13.90
N SER C 26 14.27 1.48 -14.78
CA SER C 26 14.68 1.56 -16.18
C SER C 26 15.70 2.66 -16.40
N GLN C 27 15.32 3.90 -16.11
CA GLN C 27 16.22 5.04 -16.28
C GLN C 27 17.09 5.20 -15.04
N SER C 28 17.84 6.30 -14.97
CA SER C 28 18.71 6.59 -13.83
C SER C 28 17.96 7.55 -12.92
N VAL C 29 17.07 7.01 -12.11
CA VAL C 29 16.28 7.81 -11.18
C VAL C 29 17.12 8.14 -9.96
N SER C 30 16.63 9.05 -9.13
CA SER C 30 17.33 9.44 -7.91
C SER C 30 17.08 8.40 -6.83
N SER C 31 17.43 8.73 -5.58
CA SER C 31 17.25 7.83 -4.45
C SER C 31 15.84 7.88 -3.89
N TYR C 32 14.86 8.33 -4.67
CA TYR C 32 13.48 8.45 -4.22
C TYR C 32 12.78 7.12 -4.43
N LEU C 33 13.06 6.17 -3.55
CA LEU C 33 12.44 4.86 -3.57
C LEU C 33 11.66 4.64 -2.28
N ALA C 34 10.82 3.61 -2.27
CA ALA C 34 9.98 3.33 -1.11
C ALA C 34 9.64 1.84 -1.11
N TRP C 35 10.13 1.11 -0.12
CA TRP C 35 9.81 -0.30 0.05
C TRP C 35 8.58 -0.45 0.94
N TYR C 36 7.81 -1.50 0.69
CA TYR C 36 6.61 -1.80 1.45
C TYR C 36 6.61 -3.27 1.86
N GLN C 37 5.63 -3.62 2.69
CA GLN C 37 5.45 -5.00 3.13
C GLN C 37 3.97 -5.25 3.31
N GLN C 38 3.41 -6.15 2.53
CA GLN C 38 1.98 -6.46 2.55
C GLN C 38 1.80 -7.92 2.98
N LYS C 39 1.41 -8.11 4.23
CA LYS C 39 1.07 -9.46 4.69
C LYS C 39 -0.19 -9.94 3.96
N PRO C 40 -0.21 -11.20 3.51
CA PRO C 40 -1.39 -11.70 2.79
C PRO C 40 -2.65 -11.59 3.64
N GLY C 41 -3.59 -10.76 3.16
CA GLY C 41 -4.82 -10.52 3.87
C GLY C 41 -4.94 -9.13 4.44
N GLN C 42 -3.84 -8.60 4.95
CA GLN C 42 -3.82 -7.28 5.57
C GLN C 42 -3.52 -6.22 4.50
N ALA C 43 -3.24 -4.99 4.95
CA ALA C 43 -2.92 -3.84 4.14
C ALA C 43 -1.41 -3.62 4.08
N PRO C 44 -0.91 -2.98 3.02
CA PRO C 44 0.53 -2.72 2.93
C PRO C 44 1.03 -1.86 4.07
N ARG C 45 2.31 -2.01 4.39
CA ARG C 45 2.96 -1.27 5.46
C ARG C 45 4.25 -0.65 4.93
N LEU C 46 4.47 0.62 5.26
CA LEU C 46 5.69 1.29 4.84
C LEU C 46 6.88 0.68 5.57
N LEU C 47 7.94 0.39 4.81
CA LEU C 47 9.13 -0.27 5.35
C LEU C 47 10.34 0.65 5.33
N ILE C 48 10.70 1.19 4.16
CA ILE C 48 11.85 2.07 4.01
C ILE C 48 11.47 3.17 3.03
N TYR C 49 11.57 4.42 3.46
CA TYR C 49 11.32 5.57 2.60
C TYR C 49 12.63 6.26 2.26
N ASP C 50 12.68 6.84 1.06
CA ASP C 50 13.87 7.49 0.50
C ASP C 50 15.03 6.53 0.32
N ALA C 51 14.79 5.22 0.38
CA ALA C 51 15.72 4.14 0.13
C ALA C 51 16.84 4.05 1.17
N THR C 52 16.91 4.97 2.13
CA THR C 52 17.94 4.91 3.16
C THR C 52 17.45 5.31 4.54
N ASN C 53 16.16 5.58 4.72
CA ASN C 53 15.62 6.05 5.99
C ASN C 53 14.60 5.04 6.51
N ARG C 54 14.73 4.67 7.78
CA ARG C 54 13.82 3.73 8.40
C ARG C 54 12.57 4.45 8.89
N ALA C 55 11.42 3.81 8.70
CA ALA C 55 10.15 4.37 9.13
C ALA C 55 9.97 4.15 10.63
N THR C 56 8.82 4.57 11.15
CA THR C 56 8.51 4.43 12.56
C THR C 56 7.90 3.06 12.83
N GLY C 57 8.29 2.44 13.94
CA GLY C 57 7.82 1.13 14.32
C GLY C 57 8.54 -0.02 13.65
N ILE C 58 9.27 0.24 12.58
CA ILE C 58 9.98 -0.83 11.87
C ILE C 58 11.16 -1.30 12.73
N PRO C 59 11.34 -2.60 12.93
CA PRO C 59 12.46 -3.08 13.74
C PRO C 59 13.80 -2.75 13.09
N ALA C 60 14.87 -2.95 13.87
CA ALA C 60 16.21 -2.61 13.42
C ALA C 60 16.77 -3.62 12.41
N ARG C 61 16.13 -4.78 12.26
CA ARG C 61 16.64 -5.77 11.32
C ARG C 61 16.49 -5.30 9.88
N PHE C 62 15.47 -4.48 9.60
CA PHE C 62 15.25 -3.96 8.26
C PHE C 62 16.19 -2.78 8.01
N SER C 63 16.99 -2.88 6.96
CA SER C 63 17.95 -1.83 6.63
C SER C 63 18.11 -1.80 5.11
N GLY C 64 17.52 -0.79 4.47
CA GLY C 64 17.63 -0.66 3.03
C GLY C 64 18.82 0.17 2.59
N SER C 65 19.06 0.15 1.29
CA SER C 65 20.17 0.89 0.69
C SER C 65 19.92 1.01 -0.80
N GLY C 66 20.87 1.64 -1.50
CA GLY C 66 20.76 1.80 -2.93
C GLY C 66 20.90 3.24 -3.39
N SER C 67 21.30 3.44 -4.65
CA SER C 67 21.48 4.78 -5.19
C SER C 67 21.50 4.72 -6.70
N GLY C 68 20.65 5.52 -7.34
CA GLY C 68 20.66 5.67 -8.78
C GLY C 68 19.93 4.60 -9.55
N THR C 69 20.54 3.42 -9.69
CA THR C 69 19.91 2.35 -10.47
C THR C 69 20.12 0.98 -9.85
N ASP C 70 20.60 0.90 -8.61
CA ASP C 70 20.86 -0.38 -7.96
C ASP C 70 20.46 -0.25 -6.50
N PHE C 71 19.25 -0.68 -6.18
CA PHE C 71 18.72 -0.63 -4.83
C PHE C 71 18.64 -2.03 -4.24
N THR C 72 18.72 -2.11 -2.91
CA THR C 72 18.70 -3.40 -2.23
C THR C 72 18.14 -3.22 -0.83
N LEU C 73 17.26 -4.15 -0.43
CA LEU C 73 16.71 -4.19 0.92
C LEU C 73 17.17 -5.47 1.58
N THR C 74 17.99 -5.35 2.62
CA THR C 74 18.63 -6.50 3.28
C THR C 74 18.10 -6.61 4.70
N ILE C 75 17.43 -7.70 5.00
CA ILE C 75 16.97 -7.99 6.35
C ILE C 75 18.08 -8.71 7.11
N SER C 76 18.35 -8.26 8.33
CA SER C 76 19.43 -8.84 9.12
C SER C 76 19.11 -10.27 9.54
N SER C 77 18.02 -10.45 10.30
CA SER C 77 17.61 -11.77 10.77
C SER C 77 16.12 -11.94 10.45
N LEU C 78 15.80 -12.95 9.63
CA LEU C 78 14.42 -13.19 9.27
C LEU C 78 13.61 -13.68 10.47
N GLU C 79 12.37 -13.24 10.55
CA GLU C 79 11.45 -13.58 11.62
C GLU C 79 10.22 -14.27 11.04
N PRO C 80 9.54 -15.10 11.83
CA PRO C 80 8.35 -15.79 11.30
C PRO C 80 7.23 -14.86 10.86
N GLU C 81 7.22 -13.62 11.34
CA GLU C 81 6.24 -12.63 10.91
C GLU C 81 6.78 -11.72 9.82
N ASP C 82 7.93 -12.05 9.23
CA ASP C 82 8.54 -11.25 8.18
C ASP C 82 8.47 -11.92 6.81
N PHE C 83 7.58 -12.90 6.66
CA PHE C 83 7.40 -13.62 5.39
C PHE C 83 6.15 -13.08 4.72
N ALA C 84 6.34 -12.20 3.75
CA ALA C 84 5.23 -11.60 3.01
C ALA C 84 5.77 -11.08 1.68
N VAL C 85 4.92 -10.34 0.96
CA VAL C 85 5.29 -9.77 -0.33
C VAL C 85 5.81 -8.35 -0.10
N TYR C 86 6.93 -8.02 -0.75
CA TYR C 86 7.56 -6.72 -0.61
C TYR C 86 7.53 -6.01 -1.95
N TYR C 87 6.95 -4.81 -1.97
CA TYR C 87 6.90 -3.99 -3.17
C TYR C 87 7.78 -2.74 -2.99
N CYS C 88 8.41 -2.33 -4.06
CA CYS C 88 9.18 -1.08 -4.09
C CYS C 88 8.47 -0.07 -4.98
N GLN C 89 8.43 1.18 -4.53
CA GLN C 89 7.70 2.24 -5.20
C GLN C 89 8.63 3.36 -5.61
N HIS C 90 8.42 3.89 -6.81
CA HIS C 90 9.15 5.05 -7.31
C HIS C 90 8.17 6.19 -7.57
N ARG C 91 8.58 7.40 -7.18
CA ARG C 91 7.77 8.59 -7.34
C ARG C 91 8.40 9.50 -8.39
N SER C 92 7.60 9.96 -9.34
CA SER C 92 8.07 10.93 -10.31
C SER C 92 8.08 12.33 -9.68
N ASN C 93 8.43 13.33 -10.47
CA ASN C 93 8.57 14.70 -9.95
C ASN C 93 7.51 15.63 -10.51
N TRP C 94 7.43 15.79 -11.83
CA TRP C 94 6.54 16.82 -12.36
C TRP C 94 5.07 16.36 -12.35
N PRO C 95 4.68 15.29 -13.09
CA PRO C 95 3.26 14.94 -13.10
C PRO C 95 2.84 13.98 -12.00
N ARG C 96 3.36 14.17 -10.78
CA ARG C 96 3.01 13.40 -9.60
C ARG C 96 2.70 11.94 -9.88
N MET C 97 3.63 11.23 -10.53
CA MET C 97 3.41 9.85 -10.90
C MET C 97 4.04 8.90 -9.89
N PHE C 98 3.38 7.76 -9.68
CA PHE C 98 3.85 6.71 -8.78
C PHE C 98 3.83 5.39 -9.53
N THR C 99 4.88 4.59 -9.34
CA THR C 99 4.99 3.29 -9.99
C THR C 99 5.40 2.25 -8.97
N PHE C 100 4.78 1.07 -9.06
CA PHE C 100 5.09 -0.05 -8.19
C PHE C 100 5.72 -1.18 -8.99
N GLY C 101 6.43 -2.06 -8.30
CA GLY C 101 7.05 -3.21 -8.91
C GLY C 101 6.09 -4.36 -9.11
N GLN C 102 6.60 -5.57 -8.97
CA GLN C 102 5.80 -6.78 -9.10
C GLN C 102 5.64 -7.56 -7.80
N GLY C 103 6.58 -7.46 -6.87
CA GLY C 103 6.46 -8.15 -5.61
C GLY C 103 7.34 -9.39 -5.51
N THR C 104 8.28 -9.38 -4.57
CA THR C 104 9.16 -10.52 -4.31
C THR C 104 8.66 -11.22 -3.05
N LYS C 105 7.92 -12.30 -3.24
CA LYS C 105 7.36 -13.05 -2.12
C LYS C 105 8.47 -13.80 -1.37
N LEU C 106 8.41 -13.75 -0.05
CA LEU C 106 9.36 -14.45 0.80
C LEU C 106 8.64 -15.58 1.54
N GLU C 107 9.09 -16.81 1.28
CA GLU C 107 8.51 -18.01 1.88
C GLU C 107 9.56 -18.70 2.74
N ILE C 108 9.10 -19.66 3.53
CA ILE C 108 9.96 -20.40 4.44
C ILE C 108 10.51 -21.63 3.74
N LYS C 109 11.83 -21.81 3.80
CA LYS C 109 12.47 -22.96 3.19
C LYS C 109 12.34 -24.17 4.11
N ARG C 110 11.84 -25.27 3.56
CA ARG C 110 11.61 -26.49 4.33
C ARG C 110 12.06 -27.69 3.51
N THR C 111 12.12 -28.84 4.17
CA THR C 111 12.53 -30.07 3.51
C THR C 111 11.49 -30.46 2.46
N VAL C 112 11.98 -30.87 1.28
CA VAL C 112 11.08 -31.26 0.20
C VAL C 112 10.30 -32.50 0.60
N ALA C 113 8.98 -32.40 0.64
CA ALA C 113 8.11 -33.51 1.00
C ALA C 113 7.39 -34.03 -0.23
N ALA C 114 7.00 -35.30 -0.18
CA ALA C 114 6.30 -35.93 -1.29
C ALA C 114 4.82 -35.58 -1.24
N PRO C 115 4.24 -35.07 -2.33
CA PRO C 115 2.81 -34.70 -2.31
C PRO C 115 1.93 -35.94 -2.28
N SER C 116 1.09 -36.04 -1.25
CA SER C 116 0.14 -37.14 -1.12
C SER C 116 -0.95 -36.97 -2.16
N VAL C 117 -0.98 -37.87 -3.14
CA VAL C 117 -1.93 -37.80 -4.24
C VAL C 117 -3.24 -38.44 -3.83
N PHE C 118 -4.35 -37.74 -4.11
CA PHE C 118 -5.67 -38.26 -3.85
C PHE C 118 -6.63 -37.77 -4.94
N ILE C 119 -7.54 -38.65 -5.35
CA ILE C 119 -8.51 -38.34 -6.39
C ILE C 119 -9.91 -38.64 -5.86
N PHE C 120 -10.87 -37.81 -6.24
CA PHE C 120 -12.25 -37.95 -5.78
C PHE C 120 -13.16 -38.19 -6.99
N PRO C 121 -13.84 -39.34 -7.08
CA PRO C 121 -14.78 -39.55 -8.17
C PRO C 121 -16.04 -38.72 -7.95
N PRO C 122 -16.67 -38.23 -9.01
CA PRO C 122 -17.87 -37.42 -8.84
C PRO C 122 -19.04 -38.26 -8.33
N SER C 123 -19.86 -37.63 -7.49
CA SER C 123 -21.01 -38.30 -6.90
C SER C 123 -22.19 -38.28 -7.86
N ASP C 124 -23.10 -39.25 -7.67
CA ASP C 124 -24.28 -39.33 -8.52
C ASP C 124 -25.24 -38.18 -8.29
N GLU C 125 -25.12 -37.47 -7.16
CA GLU C 125 -25.99 -36.32 -6.92
C GLU C 125 -25.75 -35.20 -7.91
N GLN C 126 -24.50 -35.05 -8.37
CA GLN C 126 -24.19 -34.01 -9.35
C GLN C 126 -24.54 -34.46 -10.77
N LEU C 127 -24.54 -35.76 -11.02
CA LEU C 127 -24.83 -36.27 -12.36
C LEU C 127 -26.27 -35.98 -12.79
N LYS C 128 -27.19 -35.81 -11.83
CA LYS C 128 -28.58 -35.55 -12.18
C LYS C 128 -28.79 -34.16 -12.76
N SER C 129 -27.83 -33.26 -12.57
CA SER C 129 -27.94 -31.90 -13.08
C SER C 129 -26.91 -31.59 -14.16
N GLY C 130 -26.05 -32.53 -14.52
CA GLY C 130 -25.05 -32.31 -15.54
C GLY C 130 -23.81 -31.63 -15.00
N THR C 131 -22.90 -31.34 -15.92
CA THR C 131 -21.61 -30.69 -15.62
C THR C 131 -20.84 -31.46 -14.55
N ALA C 132 -20.50 -32.70 -14.89
CA ALA C 132 -19.74 -33.55 -13.98
C ALA C 132 -18.29 -33.10 -13.93
N SER C 133 -17.74 -33.00 -12.72
CA SER C 133 -16.37 -32.55 -12.52
C SER C 133 -15.66 -33.51 -11.57
N VAL C 134 -14.39 -33.78 -11.86
CA VAL C 134 -13.56 -34.66 -11.05
C VAL C 134 -12.48 -33.82 -10.37
N VAL C 135 -12.22 -34.10 -9.11
CA VAL C 135 -11.28 -33.34 -8.31
C VAL C 135 -10.09 -34.23 -7.95
N CYS C 136 -8.89 -33.69 -8.10
CA CYS C 136 -7.66 -34.37 -7.72
C CYS C 136 -6.95 -33.54 -6.64
N LEU C 137 -6.49 -34.23 -5.59
CA LEU C 137 -5.94 -33.58 -4.41
C LEU C 137 -4.44 -33.77 -4.34
N LEU C 138 -3.72 -32.70 -4.01
CA LEU C 138 -2.28 -32.72 -3.81
C LEU C 138 -1.97 -31.96 -2.52
N ASN C 139 -1.60 -32.70 -1.47
CA ASN C 139 -1.33 -32.12 -0.17
C ASN C 139 0.09 -32.42 0.28
N ASN C 140 0.59 -31.57 1.19
CA ASN C 140 1.88 -31.75 1.84
C ASN C 140 3.03 -31.80 0.82
N PHE C 141 3.21 -30.69 0.12
CA PHE C 141 4.34 -30.52 -0.78
C PHE C 141 4.94 -29.13 -0.57
N TYR C 142 6.26 -29.08 -0.40
CA TYR C 142 6.95 -27.82 -0.13
C TYR C 142 7.09 -26.94 -1.38
N PRO C 143 7.69 -27.42 -2.47
CA PRO C 143 7.91 -26.53 -3.62
C PRO C 143 6.64 -26.35 -4.43
N ARG C 144 6.30 -25.09 -4.71
CA ARG C 144 5.12 -24.76 -5.51
C ARG C 144 5.43 -25.02 -6.99
N GLU C 145 5.53 -26.32 -7.32
CA GLU C 145 5.81 -26.72 -8.69
C GLU C 145 5.23 -28.12 -8.87
N ALA C 146 4.07 -28.20 -9.51
CA ALA C 146 3.39 -29.48 -9.73
C ALA C 146 2.59 -29.39 -11.02
N LYS C 147 2.83 -30.34 -11.92
CA LYS C 147 2.11 -30.41 -13.20
C LYS C 147 1.00 -31.43 -13.06
N VAL C 148 -0.22 -30.95 -12.81
CA VAL C 148 -1.38 -31.80 -12.63
C VAL C 148 -2.06 -31.94 -13.99
N GLN C 149 -1.99 -33.14 -14.56
CA GLN C 149 -2.59 -33.42 -15.86
C GLN C 149 -3.42 -34.70 -15.76
N TRP C 150 -4.59 -34.70 -16.40
CA TRP C 150 -5.46 -35.86 -16.42
C TRP C 150 -5.04 -36.79 -17.56
N LYS C 151 -5.74 -37.92 -17.67
CA LYS C 151 -5.45 -38.91 -18.70
C LYS C 151 -6.79 -39.38 -19.29
N VAL C 152 -7.18 -38.79 -20.41
CA VAL C 152 -8.37 -39.21 -21.13
C VAL C 152 -7.98 -40.37 -22.05
N ASP C 153 -8.08 -41.59 -21.54
CA ASP C 153 -7.64 -42.79 -22.25
C ASP C 153 -6.19 -42.67 -22.69
N ASN C 154 -5.33 -42.39 -21.70
CA ASN C 154 -3.88 -42.26 -21.91
C ASN C 154 -3.58 -41.16 -22.93
N ALA C 155 -4.12 -39.97 -22.69
CA ALA C 155 -3.90 -38.82 -23.57
C ALA C 155 -3.74 -37.59 -22.69
N LEU C 156 -3.72 -36.42 -23.33
CA LEU C 156 -3.59 -35.15 -22.64
C LEU C 156 -4.92 -34.41 -22.62
N GLN C 157 -4.94 -33.31 -21.87
CA GLN C 157 -6.15 -32.50 -21.72
C GLN C 157 -5.76 -31.15 -21.15
N SER C 158 -6.39 -30.09 -21.65
CA SER C 158 -6.12 -28.74 -21.19
C SER C 158 -7.33 -27.87 -21.48
N GLY C 159 -7.36 -26.70 -20.85
CA GLY C 159 -8.42 -25.73 -21.03
C GLY C 159 -9.61 -25.91 -20.11
N ASN C 160 -10.04 -27.15 -19.89
CA ASN C 160 -11.19 -27.47 -19.06
C ASN C 160 -10.78 -27.88 -17.65
N SER C 161 -9.66 -27.38 -17.15
CA SER C 161 -9.16 -27.73 -15.83
C SER C 161 -8.62 -26.49 -15.16
N GLN C 162 -9.12 -26.18 -13.96
CA GLN C 162 -8.67 -25.04 -13.18
C GLN C 162 -8.05 -25.54 -11.88
N GLU C 163 -6.86 -25.03 -11.57
CA GLU C 163 -6.13 -25.43 -10.37
C GLU C 163 -6.13 -24.29 -9.36
N SER C 164 -6.22 -24.64 -8.08
CA SER C 164 -6.19 -23.69 -6.98
C SER C 164 -5.20 -24.14 -5.94
N VAL C 165 -4.26 -23.25 -5.59
CA VAL C 165 -3.21 -23.55 -4.63
C VAL C 165 -3.38 -22.64 -3.42
N THR C 166 -3.24 -23.21 -2.23
CA THR C 166 -3.36 -22.45 -0.99
C THR C 166 -2.01 -21.78 -0.66
N GLU C 167 -1.98 -21.15 0.51
CA GLU C 167 -0.76 -20.51 0.99
C GLU C 167 0.03 -21.48 1.87
N GLN C 168 1.23 -21.05 2.26
CA GLN C 168 2.08 -21.89 3.08
C GLN C 168 1.50 -22.01 4.49
N ASP C 169 1.37 -23.25 4.96
CA ASP C 169 0.78 -23.51 6.27
C ASP C 169 1.79 -23.23 7.37
N SER C 170 1.31 -22.66 8.47
CA SER C 170 2.21 -22.28 9.57
C SER C 170 2.69 -23.48 10.38
N LYS C 171 2.02 -24.63 10.26
CA LYS C 171 2.39 -25.77 11.08
C LYS C 171 3.57 -26.53 10.50
N ASP C 172 3.44 -27.02 9.27
CA ASP C 172 4.47 -27.86 8.65
C ASP C 172 5.10 -27.22 7.41
N SER C 173 4.74 -25.98 7.09
CA SER C 173 5.33 -25.23 5.98
C SER C 173 5.18 -25.98 4.66
N THR C 174 3.96 -26.44 4.39
CA THR C 174 3.63 -27.13 3.16
C THR C 174 2.49 -26.40 2.45
N TYR C 175 2.19 -26.86 1.23
CA TYR C 175 1.13 -26.29 0.42
C TYR C 175 0.09 -27.37 0.09
N SER C 176 -0.97 -26.94 -0.57
CA SER C 176 -2.05 -27.83 -0.99
C SER C 176 -2.55 -27.39 -2.36
N LEU C 177 -2.82 -28.37 -3.23
CA LEU C 177 -3.27 -28.11 -4.58
C LEU C 177 -4.50 -28.96 -4.87
N SER C 178 -5.48 -28.37 -5.55
CA SER C 178 -6.71 -29.06 -5.91
C SER C 178 -7.09 -28.67 -7.33
N SER C 179 -7.11 -29.64 -8.23
CA SER C 179 -7.46 -29.43 -9.62
C SER C 179 -8.85 -29.99 -9.89
N THR C 180 -9.63 -29.30 -10.73
CA THR C 180 -10.98 -29.70 -11.07
C THR C 180 -11.13 -29.72 -12.58
N LEU C 181 -11.56 -30.87 -13.12
CA LEU C 181 -11.72 -31.06 -14.55
C LEU C 181 -13.21 -30.91 -14.88
N THR C 182 -13.57 -29.76 -15.44
CA THR C 182 -14.97 -29.50 -15.80
C THR C 182 -15.29 -30.16 -17.13
N LEU C 183 -16.42 -30.86 -17.17
CA LEU C 183 -16.86 -31.57 -18.38
C LEU C 183 -18.39 -31.52 -18.42
N SER C 184 -18.96 -32.35 -19.28
CA SER C 184 -20.40 -32.46 -19.42
C SER C 184 -20.87 -33.85 -18.98
N LYS C 185 -22.18 -33.96 -18.72
CA LYS C 185 -22.74 -35.23 -18.28
C LYS C 185 -22.63 -36.28 -19.37
N ALA C 186 -23.00 -35.92 -20.60
CA ALA C 186 -22.91 -36.86 -21.71
C ALA C 186 -21.47 -37.18 -22.09
N ASP C 187 -20.51 -36.37 -21.65
CA ASP C 187 -19.11 -36.59 -21.96
C ASP C 187 -18.41 -37.46 -20.93
N TYR C 188 -18.91 -37.50 -19.70
CA TYR C 188 -18.25 -38.28 -18.65
C TYR C 188 -18.43 -39.78 -18.88
N GLU C 189 -19.61 -40.20 -19.32
CA GLU C 189 -19.87 -41.61 -19.56
C GLU C 189 -19.21 -42.13 -20.84
N LYS C 190 -18.60 -41.25 -21.64
CA LYS C 190 -17.91 -41.70 -22.84
C LYS C 190 -16.69 -42.55 -22.49
N HIS C 191 -16.01 -42.21 -21.41
CA HIS C 191 -14.81 -42.91 -20.98
C HIS C 191 -15.05 -43.54 -19.61
N LYS C 192 -14.18 -44.47 -19.25
CA LYS C 192 -14.30 -45.22 -17.99
C LYS C 192 -13.13 -45.01 -17.05
N VAL C 193 -11.90 -45.01 -17.56
CA VAL C 193 -10.70 -44.92 -16.73
C VAL C 193 -10.25 -43.46 -16.71
N TYR C 194 -10.41 -42.80 -15.57
CA TYR C 194 -9.94 -41.44 -15.37
C TYR C 194 -8.74 -41.47 -14.43
N ALA C 195 -7.67 -40.77 -14.81
CA ALA C 195 -6.42 -40.77 -14.06
C ALA C 195 -5.96 -39.35 -13.81
N CYS C 196 -5.24 -39.17 -12.71
CA CYS C 196 -4.64 -37.89 -12.34
C CYS C 196 -3.13 -38.06 -12.23
N GLU C 197 -2.39 -37.41 -13.12
CA GLU C 197 -0.94 -37.48 -13.13
C GLU C 197 -0.35 -36.33 -12.32
N VAL C 198 0.61 -36.65 -11.47
CA VAL C 198 1.27 -35.67 -10.61
C VAL C 198 2.76 -35.67 -10.94
N THR C 199 3.26 -34.55 -11.45
CA THR C 199 4.67 -34.37 -11.76
C THR C 199 5.25 -33.38 -10.77
N HIS C 200 6.04 -33.88 -9.82
CA HIS C 200 6.60 -33.07 -8.75
C HIS C 200 8.11 -33.30 -8.68
N GLN C 201 8.82 -32.29 -8.19
CA GLN C 201 10.27 -32.38 -8.09
C GLN C 201 10.69 -33.41 -7.05
N GLY C 202 9.98 -33.47 -5.93
CA GLY C 202 10.29 -34.43 -4.88
C GLY C 202 9.93 -35.86 -5.19
N LEU C 203 9.24 -36.10 -6.30
CA LEU C 203 8.84 -37.44 -6.71
C LEU C 203 9.81 -37.95 -7.78
N SER C 204 10.40 -39.12 -7.53
CA SER C 204 11.33 -39.71 -8.49
C SER C 204 10.63 -40.15 -9.77
N SER C 205 9.33 -40.45 -9.71
CA SER C 205 8.56 -40.86 -10.87
C SER C 205 7.18 -40.21 -10.80
N PRO C 206 6.63 -39.79 -11.94
CA PRO C 206 5.30 -39.17 -11.93
C PRO C 206 4.24 -40.14 -11.43
N VAL C 207 3.65 -39.80 -10.28
CA VAL C 207 2.63 -40.64 -9.69
C VAL C 207 1.30 -40.39 -10.38
N THR C 208 0.68 -41.46 -10.87
CA THR C 208 -0.60 -41.38 -11.57
C THR C 208 -1.59 -42.30 -10.87
N LYS C 209 -2.66 -41.71 -10.32
CA LYS C 209 -3.71 -42.45 -9.65
C LYS C 209 -4.96 -42.47 -10.53
N SER C 210 -5.54 -43.65 -10.72
CA SER C 210 -6.69 -43.83 -11.58
C SER C 210 -7.75 -44.65 -10.86
N PHE C 211 -8.98 -44.57 -11.37
CA PHE C 211 -10.11 -45.32 -10.83
C PHE C 211 -11.01 -45.75 -11.98
N ASN C 212 -11.70 -46.87 -11.78
CA ASN C 212 -12.62 -47.42 -12.77
C ASN C 212 -14.05 -47.23 -12.28
N ARG C 213 -14.88 -46.63 -13.11
CA ARG C 213 -16.27 -46.38 -12.77
C ARG C 213 -17.10 -47.65 -12.86
#